data_1K9Q
#
_entry.id   1K9Q
#
loop_
_entity.id
_entity.type
_entity.pdbx_description
1 polymer '65 kDa Yes-associated protein'
2 polymer 'WW domain binding protein-1'
3 non-polymer N-OCTANE
#
loop_
_entity_poly.entity_id
_entity_poly.type
_entity_poly.pdbx_seq_one_letter_code
_entity_poly.pdbx_strand_id
1 'polypeptide(L)' FEIPDDVPLPAGWEMAKTSSGQRYFLNHIDQTTTWQDPRK A
2 'polypeptide(L)' GPPPY(NH2) B
#
# COMPACT_ATOMS: atom_id res chain seq x y z
N PHE A 1 12.50 4.57 -0.94
CA PHE A 1 13.53 4.16 0.04
C PHE A 1 12.90 3.94 1.42
N GLU A 2 13.68 3.57 2.39
CA GLU A 2 13.12 3.34 3.76
C GLU A 2 11.95 2.35 3.69
N ILE A 3 12.19 1.16 3.18
CA ILE A 3 11.09 0.15 3.08
C ILE A 3 11.68 -1.23 2.76
N PRO A 4 12.34 -1.81 3.73
CA PRO A 4 12.95 -3.15 3.53
C PRO A 4 11.86 -4.23 3.50
N ASP A 5 12.23 -5.46 3.27
CA ASP A 5 11.22 -6.55 3.23
C ASP A 5 11.28 -7.38 4.51
N ASP A 6 11.64 -6.77 5.61
CA ASP A 6 11.72 -7.52 6.90
C ASP A 6 10.33 -8.07 7.27
N VAL A 7 9.29 -7.44 6.82
CA VAL A 7 7.93 -7.93 7.15
C VAL A 7 6.99 -7.79 5.93
N PRO A 8 6.10 -8.74 5.78
CA PRO A 8 5.16 -8.70 4.63
C PRO A 8 4.13 -7.59 4.84
N LEU A 9 3.00 -7.68 4.17
CA LEU A 9 1.96 -6.63 4.34
C LEU A 9 0.85 -7.12 5.27
N PRO A 10 -0.16 -6.31 5.45
CA PRO A 10 -1.29 -6.69 6.33
C PRO A 10 -2.34 -7.47 5.54
N ALA A 11 -3.12 -8.28 6.23
CA ALA A 11 -4.16 -9.07 5.52
C ALA A 11 -5.26 -8.15 4.98
N GLY A 12 -5.96 -8.59 3.96
CA GLY A 12 -7.04 -7.73 3.40
C GLY A 12 -6.46 -6.36 3.02
N TRP A 13 -5.34 -6.35 2.34
CA TRP A 13 -4.73 -5.05 1.96
C TRP A 13 -3.94 -5.18 0.65
N GLU A 14 -4.54 -4.85 -0.45
CA GLU A 14 -3.80 -4.95 -1.75
C GLU A 14 -2.84 -3.77 -1.86
N MET A 15 -2.17 -3.64 -2.95
CA MET A 15 -1.24 -2.49 -3.13
C MET A 15 -1.20 -2.08 -4.59
N ALA A 16 -0.64 -0.96 -4.88
CA ALA A 16 -0.59 -0.50 -6.29
C ALA A 16 0.29 0.74 -6.41
N LYS A 17 0.94 0.93 -7.53
CA LYS A 17 1.82 2.12 -7.69
C LYS A 17 1.12 3.20 -8.50
N THR A 18 1.07 4.40 -8.00
CA THR A 18 0.40 5.49 -8.76
C THR A 18 1.42 6.53 -9.24
N SER A 19 2.68 6.19 -9.23
CA SER A 19 3.72 7.16 -9.69
C SER A 19 5.10 6.52 -9.68
N SER A 20 6.14 7.30 -9.56
CA SER A 20 7.52 6.74 -9.54
C SER A 20 7.73 5.88 -8.30
N GLY A 21 7.16 4.70 -8.27
CA GLY A 21 7.33 3.82 -7.08
C GLY A 21 6.29 4.19 -6.02
N GLN A 22 5.29 4.96 -6.36
CA GLN A 22 4.27 5.34 -5.35
C GLN A 22 3.40 4.12 -5.02
N ARG A 23 4.00 3.10 -4.47
CA ARG A 23 3.23 1.87 -4.10
C ARG A 23 2.19 2.19 -3.03
N TYR A 24 1.12 2.85 -3.38
CA TYR A 24 0.09 3.14 -2.36
C TYR A 24 -0.62 1.84 -2.01
N PHE A 25 -0.92 1.63 -0.77
CA PHE A 25 -1.54 0.35 -0.38
C PHE A 25 -3.06 0.43 -0.37
N LEU A 26 -3.64 -0.55 -1.00
CA LEU A 26 -5.11 -0.62 -1.13
C LEU A 26 -5.74 -1.38 0.05
N ASN A 27 -6.37 -0.67 0.94
CA ASN A 27 -7.00 -1.34 2.10
C ASN A 27 -8.28 -2.05 1.65
N HIS A 28 -8.32 -3.35 1.74
CA HIS A 28 -9.53 -4.09 1.28
C HIS A 28 -10.60 -4.07 2.38
N ILE A 29 -10.26 -4.48 3.57
CA ILE A 29 -11.27 -4.48 4.68
C ILE A 29 -11.93 -3.11 4.80
N ASP A 30 -11.27 -2.08 4.34
CA ASP A 30 -11.86 -0.71 4.43
C ASP A 30 -12.02 -0.10 3.02
N GLN A 31 -11.51 -0.76 2.01
CA GLN A 31 -11.63 -0.21 0.63
C GLN A 31 -11.06 1.21 0.56
N THR A 32 -9.77 1.35 0.63
CA THR A 32 -9.16 2.72 0.58
C THR A 32 -7.72 2.64 0.09
N THR A 33 -7.09 3.76 -0.11
CA THR A 33 -5.67 3.75 -0.58
C THR A 33 -4.80 4.64 0.33
N THR A 34 -3.64 4.19 0.69
CA THR A 34 -2.76 4.99 1.57
C THR A 34 -1.29 4.76 1.21
N TRP A 35 -0.46 5.77 1.33
CA TRP A 35 0.98 5.59 0.98
C TRP A 35 1.62 4.59 1.93
N GLN A 36 2.93 4.60 2.02
CA GLN A 36 3.62 3.64 2.94
C GLN A 36 3.03 3.74 4.35
N ASP A 37 2.95 2.63 5.04
CA ASP A 37 2.38 2.66 6.42
C ASP A 37 2.45 1.26 7.05
N PRO A 38 1.79 0.30 6.42
CA PRO A 38 1.80 -1.08 6.95
C PRO A 38 3.17 -1.73 6.73
N ARG A 39 3.72 -1.60 5.56
CA ARG A 39 5.05 -2.21 5.28
C ARG A 39 6.11 -1.65 6.24
N LYS A 40 6.43 -0.39 6.11
CA LYS A 40 7.44 0.21 7.04
C LYS A 40 6.79 0.65 8.34
N GLY B 1 -3.37 13.64 -1.79
CA GLY B 1 -4.35 13.11 -2.79
C GLY B 1 -4.21 11.59 -2.90
N PRO B 2 -5.09 10.87 -2.25
CA PRO B 2 -5.04 9.40 -2.29
C PRO B 2 -5.53 8.88 -3.66
N PRO B 3 -4.88 7.85 -4.14
CA PRO B 3 -5.27 7.28 -5.45
C PRO B 3 -6.58 6.50 -5.33
N PRO B 4 -7.19 6.22 -6.46
CA PRO B 4 -8.47 5.48 -6.47
C PRO B 4 -8.23 4.00 -6.14
N TYR B 5 -9.24 3.18 -6.29
CA TYR B 5 -9.06 1.73 -5.99
C TYR B 5 -9.30 0.90 -7.25
N PHE A 1 17.08 2.43 6.87
CA PHE A 1 16.86 0.98 6.59
C PHE A 1 16.15 0.80 5.26
N GLU A 2 15.33 1.75 4.88
CA GLU A 2 14.60 1.62 3.58
C GLU A 2 13.83 0.31 3.53
N ILE A 3 12.55 0.34 3.80
CA ILE A 3 11.74 -0.91 3.76
C ILE A 3 11.95 -1.63 2.42
N PRO A 4 12.00 -2.94 2.47
CA PRO A 4 12.19 -3.75 1.24
C PRO A 4 10.91 -3.76 0.41
N ASP A 5 11.04 -3.76 -0.89
CA ASP A 5 9.82 -3.78 -1.76
C ASP A 5 9.01 -5.05 -1.51
N ASP A 6 9.62 -6.06 -0.95
CA ASP A 6 8.88 -7.33 -0.69
C ASP A 6 8.20 -7.26 0.69
N VAL A 7 7.08 -6.58 0.78
CA VAL A 7 6.37 -6.48 2.09
C VAL A 7 5.07 -7.29 2.05
N PRO A 8 4.82 -8.03 3.10
CA PRO A 8 3.59 -8.86 3.16
C PRO A 8 2.36 -8.00 3.48
N LEU A 9 2.55 -6.79 3.94
CA LEU A 9 1.39 -5.92 4.26
C LEU A 9 0.44 -6.65 5.21
N PRO A 10 -0.61 -5.97 5.62
CA PRO A 10 -1.58 -6.58 6.55
C PRO A 10 -2.62 -7.38 5.76
N ALA A 11 -3.43 -8.14 6.45
CA ALA A 11 -4.47 -8.95 5.75
C ALA A 11 -5.50 -8.04 5.06
N GLY A 12 -6.06 -8.49 3.98
CA GLY A 12 -7.09 -7.67 3.27
C GLY A 12 -6.47 -6.31 2.89
N TRP A 13 -5.31 -6.32 2.29
CA TRP A 13 -4.68 -5.02 1.91
C TRP A 13 -3.85 -5.17 0.64
N GLU A 14 -4.39 -4.79 -0.49
CA GLU A 14 -3.61 -4.90 -1.76
C GLU A 14 -2.66 -3.72 -1.85
N MET A 15 -1.97 -3.57 -2.93
CA MET A 15 -1.04 -2.42 -3.08
C MET A 15 -0.99 -1.99 -4.54
N ALA A 16 -0.45 -0.84 -4.80
CA ALA A 16 -0.38 -0.37 -6.21
C ALA A 16 0.43 0.92 -6.30
N LYS A 17 1.05 1.15 -7.42
CA LYS A 17 1.87 2.38 -7.59
C LYS A 17 1.07 3.44 -8.35
N THR A 18 0.85 4.58 -7.76
CA THR A 18 0.07 5.64 -8.47
C THR A 18 1.00 6.57 -9.25
N SER A 19 2.15 6.10 -9.65
CA SER A 19 3.10 6.95 -10.44
C SER A 19 4.37 6.14 -10.75
N SER A 20 5.32 6.13 -9.84
CA SER A 20 6.57 5.36 -10.07
C SER A 20 6.82 4.45 -8.87
N GLY A 21 7.36 5.00 -7.80
CA GLY A 21 7.59 4.18 -6.59
C GLY A 21 6.48 4.50 -5.57
N GLN A 22 5.43 5.15 -5.99
CA GLN A 22 4.33 5.49 -5.06
C GLN A 22 3.48 4.26 -4.77
N ARG A 23 4.08 3.25 -4.23
CA ARG A 23 3.33 1.99 -3.91
C ARG A 23 2.28 2.26 -2.85
N TYR A 24 1.23 2.96 -3.18
CA TYR A 24 0.18 3.22 -2.16
C TYR A 24 -0.52 1.90 -1.86
N PHE A 25 -0.82 1.65 -0.63
CA PHE A 25 -1.45 0.36 -0.29
C PHE A 25 -2.97 0.42 -0.33
N LEU A 26 -3.53 -0.52 -1.03
CA LEU A 26 -5.00 -0.60 -1.22
C LEU A 26 -5.67 -1.32 -0.05
N ASN A 27 -6.43 -0.62 0.74
CA ASN A 27 -7.12 -1.27 1.88
C ASN A 27 -8.35 -2.02 1.38
N HIS A 28 -8.37 -3.32 1.51
CA HIS A 28 -9.54 -4.10 1.03
C HIS A 28 -10.63 -4.13 2.10
N ILE A 29 -10.28 -4.49 3.30
CA ILE A 29 -11.29 -4.53 4.40
C ILE A 29 -12.01 -3.19 4.52
N ASP A 30 -11.40 -2.14 4.04
CA ASP A 30 -12.05 -0.79 4.13
C ASP A 30 -12.10 -0.12 2.75
N GLN A 31 -11.54 -0.75 1.74
CA GLN A 31 -11.57 -0.13 0.38
C GLN A 31 -10.97 1.28 0.42
N THR A 32 -9.67 1.39 0.53
CA THR A 32 -9.04 2.75 0.57
C THR A 32 -7.60 2.68 0.09
N THR A 33 -6.89 3.78 0.13
CA THR A 33 -5.47 3.78 -0.34
C THR A 33 -4.60 4.59 0.63
N THR A 34 -3.43 4.09 0.95
CA THR A 34 -2.54 4.84 1.89
C THR A 34 -1.12 4.88 1.33
N TRP A 35 -0.24 5.61 1.97
CA TRP A 35 1.16 5.69 1.47
C TRP A 35 2.10 4.93 2.40
N GLN A 36 2.27 5.42 3.60
CA GLN A 36 3.18 4.72 4.56
C GLN A 36 2.64 3.32 4.87
N ASP A 37 3.33 2.30 4.41
CA ASP A 37 2.85 0.91 4.68
C ASP A 37 2.61 0.71 6.17
N PRO A 38 1.52 0.04 6.50
CA PRO A 38 1.19 -0.21 7.93
C PRO A 38 2.14 -1.26 8.51
N ARG A 39 2.62 -2.16 7.70
CA ARG A 39 3.55 -3.21 8.21
C ARG A 39 4.71 -2.57 8.96
N LYS A 40 5.52 -1.80 8.28
CA LYS A 40 6.69 -1.15 8.96
C LYS A 40 6.18 -0.26 10.11
N GLY B 1 -3.63 13.85 -2.94
CA GLY B 1 -4.90 13.08 -2.78
C GLY B 1 -4.62 11.58 -2.94
N PRO B 2 -5.45 10.78 -2.32
CA PRO B 2 -5.27 9.30 -2.40
C PRO B 2 -5.65 8.80 -3.80
N PRO B 3 -4.92 7.80 -4.27
CA PRO B 3 -5.20 7.23 -5.60
C PRO B 3 -6.50 6.40 -5.58
N PRO B 4 -7.01 6.10 -6.75
CA PRO B 4 -8.26 5.31 -6.84
C PRO B 4 -7.99 3.85 -6.49
N TYR B 5 -8.97 3.00 -6.65
CA TYR B 5 -8.77 1.55 -6.31
C TYR B 5 -8.87 0.70 -7.59
N PHE A 1 17.58 2.43 4.25
CA PHE A 1 17.02 3.37 5.25
C PHE A 1 15.51 3.53 5.03
N GLU A 2 15.07 3.45 3.81
CA GLU A 2 13.60 3.60 3.54
C GLU A 2 12.87 2.30 3.86
N ILE A 3 13.03 1.29 3.05
CA ILE A 3 12.35 -0.01 3.32
C ILE A 3 12.94 -1.11 2.45
N PRO A 4 13.05 -2.30 3.00
CA PRO A 4 13.62 -3.44 2.24
C PRO A 4 12.61 -3.93 1.19
N ASP A 5 13.00 -4.87 0.39
CA ASP A 5 12.07 -5.39 -0.66
C ASP A 5 11.67 -6.84 -0.34
N ASP A 6 11.80 -7.24 0.89
CA ASP A 6 11.42 -8.63 1.27
C ASP A 6 10.53 -8.63 2.50
N VAL A 7 9.41 -7.95 2.43
CA VAL A 7 8.49 -7.90 3.61
C VAL A 7 7.04 -8.08 3.17
N PRO A 8 6.29 -8.84 3.94
CA PRO A 8 4.87 -9.08 3.60
C PRO A 8 4.02 -7.83 3.87
N LEU A 9 2.74 -7.99 4.01
CA LEU A 9 1.85 -6.82 4.28
C LEU A 9 0.73 -7.23 5.24
N PRO A 10 -0.22 -6.35 5.43
CA PRO A 10 -1.34 -6.65 6.34
C PRO A 10 -2.43 -7.44 5.61
N ALA A 11 -3.20 -8.21 6.32
CA ALA A 11 -4.28 -9.01 5.67
C ALA A 11 -5.33 -8.09 5.05
N GLY A 12 -5.98 -8.52 4.01
CA GLY A 12 -7.02 -7.68 3.37
C GLY A 12 -6.44 -6.32 3.00
N TRP A 13 -5.30 -6.31 2.35
CA TRP A 13 -4.68 -5.01 1.98
C TRP A 13 -3.86 -5.16 0.68
N GLU A 14 -4.44 -4.84 -0.44
CA GLU A 14 -3.66 -4.95 -1.71
C GLU A 14 -2.73 -3.76 -1.83
N MET A 15 -2.04 -3.63 -2.93
CA MET A 15 -1.13 -2.48 -3.09
C MET A 15 -1.09 -2.07 -4.56
N ALA A 16 -0.54 -0.93 -4.85
CA ALA A 16 -0.50 -0.49 -6.27
C ALA A 16 0.35 0.78 -6.39
N LYS A 17 0.97 0.99 -7.52
CA LYS A 17 1.82 2.20 -7.68
C LYS A 17 1.06 3.29 -8.43
N THR A 18 1.11 4.50 -7.96
CA THR A 18 0.39 5.60 -8.65
C THR A 18 1.33 6.76 -9.00
N SER A 19 2.62 6.54 -8.95
CA SER A 19 3.57 7.64 -9.28
C SER A 19 5.02 7.14 -9.25
N SER A 20 5.35 6.18 -10.07
CA SER A 20 6.75 5.65 -10.08
C SER A 20 7.24 5.36 -8.66
N GLY A 21 7.02 4.17 -8.18
CA GLY A 21 7.47 3.84 -6.79
C GLY A 21 6.37 4.22 -5.79
N GLN A 22 5.39 4.98 -6.21
CA GLN A 22 4.31 5.35 -5.25
C GLN A 22 3.43 4.14 -4.96
N ARG A 23 4.01 3.11 -4.39
CA ARG A 23 3.24 1.88 -4.06
C ARG A 23 2.19 2.19 -2.99
N TYR A 24 1.13 2.87 -3.35
CA TYR A 24 0.09 3.17 -2.34
C TYR A 24 -0.61 1.87 -2.00
N PHE A 25 -0.88 1.65 -0.76
CA PHE A 25 -1.51 0.37 -0.36
C PHE A 25 -3.02 0.43 -0.39
N LEU A 26 -3.59 -0.54 -1.04
CA LEU A 26 -5.05 -0.63 -1.21
C LEU A 26 -5.70 -1.36 -0.04
N ASN A 27 -6.37 -0.65 0.83
CA ASN A 27 -7.03 -1.32 1.98
C ASN A 27 -8.28 -2.05 1.49
N HIS A 28 -8.32 -3.34 1.62
CA HIS A 28 -9.51 -4.10 1.16
C HIS A 28 -10.60 -4.10 2.25
N ILE A 29 -10.27 -4.51 3.43
CA ILE A 29 -11.29 -4.51 4.53
C ILE A 29 -11.91 -3.11 4.68
N ASP A 30 -11.23 -2.10 4.22
CA ASP A 30 -11.79 -0.72 4.32
C ASP A 30 -11.95 -0.10 2.93
N GLN A 31 -11.47 -0.75 1.91
CA GLN A 31 -11.60 -0.19 0.53
C GLN A 31 -11.03 1.23 0.47
N THR A 32 -9.74 1.36 0.59
CA THR A 32 -9.13 2.73 0.53
C THR A 32 -7.69 2.64 0.02
N THR A 33 -7.01 3.76 -0.04
CA THR A 33 -5.59 3.75 -0.51
C THR A 33 -4.73 4.66 0.36
N THR A 34 -3.59 4.20 0.78
CA THR A 34 -2.72 5.05 1.63
C THR A 34 -1.24 4.81 1.29
N TRP A 35 -0.45 5.85 1.31
CA TRP A 35 1.00 5.69 0.99
C TRP A 35 1.66 4.78 2.03
N GLN A 36 2.93 4.98 2.29
CA GLN A 36 3.62 4.14 3.30
C GLN A 36 2.84 4.14 4.62
N ASP A 37 2.67 3.00 5.23
CA ASP A 37 1.92 2.94 6.52
C ASP A 37 1.93 1.51 7.08
N PRO A 38 1.40 0.58 6.33
CA PRO A 38 1.36 -0.83 6.78
C PRO A 38 2.77 -1.44 6.72
N ARG A 39 3.64 -0.86 5.94
CA ARG A 39 5.02 -1.41 5.83
C ARG A 39 6.05 -0.27 5.87
N LYS A 40 6.58 0.00 7.03
CA LYS A 40 7.59 1.10 7.13
C LYS A 40 7.03 2.40 6.53
N GLY B 1 -3.65 13.68 -0.50
CA GLY B 1 -4.55 13.21 -1.58
C GLY B 1 -4.20 11.76 -1.94
N PRO B 2 -4.96 10.83 -1.43
CA PRO B 2 -4.71 9.40 -1.71
C PRO B 2 -5.12 9.05 -3.15
N PRO B 3 -4.44 8.10 -3.73
CA PRO B 3 -4.75 7.69 -5.12
C PRO B 3 -6.07 6.89 -5.16
N PRO B 4 -6.56 6.67 -6.35
CA PRO B 4 -7.83 5.91 -6.51
C PRO B 4 -7.60 4.43 -6.21
N TYR B 5 -8.58 3.78 -5.63
CA TYR B 5 -8.42 2.33 -5.31
C TYR B 5 -8.32 1.51 -6.59
N PHE A 1 16.70 0.13 6.40
CA PHE A 1 15.38 -0.43 6.80
C PHE A 1 14.39 -0.32 5.64
N GLU A 2 14.31 -1.33 4.82
CA GLU A 2 13.37 -1.29 3.66
C GLU A 2 12.46 -2.52 3.67
N ILE A 3 11.69 -2.71 2.64
CA ILE A 3 10.79 -3.90 2.58
C ILE A 3 11.59 -5.18 2.84
N PRO A 4 11.39 -5.77 4.00
CA PRO A 4 12.11 -7.02 4.34
C PRO A 4 11.57 -8.20 3.53
N ASP A 5 12.07 -9.38 3.76
CA ASP A 5 11.58 -10.56 2.99
C ASP A 5 10.87 -11.53 3.93
N ASP A 6 9.65 -11.24 4.30
CA ASP A 6 8.89 -12.14 5.21
C ASP A 6 7.45 -11.65 5.37
N VAL A 7 7.27 -10.47 5.88
CA VAL A 7 5.90 -9.94 6.08
C VAL A 7 5.79 -8.52 5.48
N PRO A 8 5.49 -8.46 4.21
CA PRO A 8 5.37 -7.14 3.53
C PRO A 8 4.08 -6.42 3.99
N LEU A 9 2.97 -6.66 3.34
CA LEU A 9 1.71 -5.98 3.75
C LEU A 9 0.86 -6.93 4.60
N PRO A 10 -0.20 -6.39 5.16
CA PRO A 10 -1.10 -7.20 6.01
C PRO A 10 -2.18 -7.87 5.17
N ALA A 11 -3.02 -8.66 5.79
CA ALA A 11 -4.11 -9.35 5.03
C ALA A 11 -5.19 -8.36 4.64
N GLY A 12 -6.00 -8.69 3.67
CA GLY A 12 -7.08 -7.75 3.24
C GLY A 12 -6.45 -6.41 2.85
N TRP A 13 -5.20 -6.42 2.47
CA TRP A 13 -4.52 -5.15 2.09
C TRP A 13 -3.79 -5.31 0.75
N GLU A 14 -4.39 -4.88 -0.33
CA GLU A 14 -3.69 -5.00 -1.65
C GLU A 14 -2.74 -3.82 -1.79
N MET A 15 -2.08 -3.71 -2.91
CA MET A 15 -1.16 -2.56 -3.11
C MET A 15 -1.16 -2.15 -4.57
N ALA A 16 -0.65 -1.00 -4.86
CA ALA A 16 -0.63 -0.54 -6.27
C ALA A 16 0.23 0.72 -6.39
N LYS A 17 0.91 0.87 -7.50
CA LYS A 17 1.78 2.07 -7.66
C LYS A 17 1.07 3.13 -8.50
N THR A 18 1.03 4.35 -8.03
CA THR A 18 0.34 5.41 -8.82
C THR A 18 1.35 6.47 -9.29
N SER A 19 2.61 6.15 -9.28
CA SER A 19 3.63 7.14 -9.75
C SER A 19 5.03 6.52 -9.74
N SER A 20 6.05 7.33 -9.55
CA SER A 20 7.44 6.79 -9.53
C SER A 20 7.64 5.90 -8.30
N GLY A 21 7.09 4.71 -8.33
CA GLY A 21 7.25 3.79 -7.16
C GLY A 21 6.24 4.16 -6.09
N GLN A 22 5.24 4.92 -6.42
CA GLN A 22 4.22 5.30 -5.39
C GLN A 22 3.36 4.08 -5.04
N ARG A 23 3.98 3.05 -4.50
CA ARG A 23 3.21 1.82 -4.12
C ARG A 23 2.20 2.13 -3.03
N TYR A 24 1.13 2.79 -3.35
CA TYR A 24 0.12 3.08 -2.30
C TYR A 24 -0.59 1.78 -1.97
N PHE A 25 -0.81 1.53 -0.72
CA PHE A 25 -1.45 0.26 -0.35
C PHE A 25 -2.96 0.34 -0.34
N LEU A 26 -3.56 -0.61 -1.01
CA LEU A 26 -5.03 -0.67 -1.14
C LEU A 26 -5.68 -1.35 0.07
N ASN A 27 -6.39 -0.59 0.85
CA ASN A 27 -7.07 -1.19 2.04
C ASN A 27 -8.31 -1.95 1.59
N HIS A 28 -8.25 -3.25 1.57
CA HIS A 28 -9.44 -4.04 1.13
C HIS A 28 -10.49 -4.08 2.24
N ILE A 29 -10.08 -4.30 3.46
CA ILE A 29 -11.05 -4.34 4.58
C ILE A 29 -11.74 -2.98 4.75
N ASP A 30 -11.18 -1.94 4.19
CA ASP A 30 -11.81 -0.59 4.31
C ASP A 30 -12.02 0.04 2.93
N GLN A 31 -11.65 -0.64 1.87
CA GLN A 31 -11.83 -0.07 0.51
C GLN A 31 -11.23 1.33 0.43
N THR A 32 -9.95 1.45 0.63
CA THR A 32 -9.31 2.81 0.56
C THR A 32 -7.85 2.68 0.12
N THR A 33 -7.15 3.78 0.00
CA THR A 33 -5.72 3.73 -0.42
C THR A 33 -4.85 4.58 0.50
N THR A 34 -3.69 4.12 0.84
CA THR A 34 -2.79 4.93 1.72
C THR A 34 -1.35 4.85 1.22
N TRP A 35 -0.48 5.67 1.74
CA TRP A 35 0.94 5.65 1.28
C TRP A 35 1.80 4.88 2.29
N GLN A 36 1.93 5.40 3.47
CA GLN A 36 2.76 4.71 4.50
C GLN A 36 2.33 3.25 4.65
N ASP A 37 3.26 2.36 4.89
CA ASP A 37 2.91 0.93 5.05
C ASP A 37 2.56 0.61 6.50
N PRO A 38 1.67 -0.33 6.70
CA PRO A 38 1.25 -0.71 8.06
C PRO A 38 2.37 -1.51 8.76
N ARG A 39 2.96 -2.44 8.07
CA ARG A 39 4.05 -3.25 8.69
C ARG A 39 5.42 -2.75 8.20
N LYS A 40 5.89 -1.66 8.75
CA LYS A 40 7.22 -1.12 8.31
C LYS A 40 7.99 -0.58 9.51
N GLY B 1 -3.39 13.92 -4.49
CA GLY B 1 -4.46 13.32 -3.62
C GLY B 1 -4.32 11.80 -3.63
N PRO B 2 -5.17 11.15 -2.86
CA PRO B 2 -5.13 9.67 -2.78
C PRO B 2 -5.66 9.04 -4.07
N PRO B 3 -5.12 7.89 -4.43
CA PRO B 3 -5.56 7.21 -5.66
C PRO B 3 -6.97 6.61 -5.47
N PRO B 4 -7.69 6.46 -6.55
CA PRO B 4 -9.05 5.90 -6.48
C PRO B 4 -9.01 4.39 -6.20
N TYR B 5 -10.09 3.85 -5.71
CA TYR B 5 -10.11 2.38 -5.43
C TYR B 5 -11.55 1.90 -5.21
N PHE A 1 11.84 4.46 5.70
CA PHE A 1 10.95 3.55 4.92
C PHE A 1 11.78 2.45 4.24
N GLU A 2 11.84 1.29 4.84
CA GLU A 2 12.62 0.17 4.23
C GLU A 2 11.70 -0.83 3.55
N ILE A 3 10.67 -0.35 2.89
CA ILE A 3 9.73 -1.28 2.19
C ILE A 3 10.38 -1.82 0.91
N PRO A 4 10.66 -3.10 0.90
CA PRO A 4 11.30 -3.71 -0.30
C PRO A 4 10.29 -3.81 -1.45
N ASP A 5 10.72 -4.29 -2.59
CA ASP A 5 9.78 -4.40 -3.74
C ASP A 5 9.11 -5.77 -3.74
N ASP A 6 8.71 -6.26 -2.61
CA ASP A 6 8.04 -7.58 -2.55
C ASP A 6 7.52 -7.86 -1.13
N VAL A 7 6.36 -7.35 -0.81
CA VAL A 7 5.80 -7.58 0.55
C VAL A 7 4.31 -7.98 0.45
N PRO A 8 3.94 -9.01 1.17
CA PRO A 8 2.53 -9.48 1.14
C PRO A 8 1.60 -8.50 1.88
N LEU A 9 2.13 -7.46 2.47
CA LEU A 9 1.25 -6.50 3.20
C LEU A 9 0.37 -7.25 4.21
N PRO A 10 -0.47 -6.54 4.91
CA PRO A 10 -1.33 -7.21 5.92
C PRO A 10 -2.56 -7.86 5.24
N ALA A 11 -3.35 -8.57 6.00
CA ALA A 11 -4.53 -9.24 5.42
C ALA A 11 -5.52 -8.21 4.86
N GLY A 12 -6.19 -8.52 3.79
CA GLY A 12 -7.16 -7.56 3.20
C GLY A 12 -6.46 -6.24 2.88
N TRP A 13 -5.32 -6.30 2.24
CA TRP A 13 -4.60 -5.04 1.91
C TRP A 13 -3.81 -5.20 0.61
N GLU A 14 -4.40 -4.88 -0.50
CA GLU A 14 -3.65 -4.99 -1.79
C GLU A 14 -2.71 -3.80 -1.91
N MET A 15 -2.04 -3.66 -3.01
CA MET A 15 -1.13 -2.51 -3.18
C MET A 15 -1.13 -2.06 -4.63
N ALA A 16 -0.59 -0.92 -4.89
CA ALA A 16 -0.58 -0.42 -6.29
C ALA A 16 0.29 0.84 -6.38
N LYS A 17 0.98 1.02 -7.48
CA LYS A 17 1.84 2.22 -7.61
C LYS A 17 1.16 3.29 -8.46
N THR A 18 0.93 4.45 -7.92
CA THR A 18 0.27 5.52 -8.72
C THR A 18 1.31 6.49 -9.26
N SER A 19 2.52 6.04 -9.40
CA SER A 19 3.60 6.93 -9.93
C SER A 19 4.92 6.15 -10.04
N SER A 20 6.03 6.81 -9.97
CA SER A 20 7.33 6.09 -10.07
C SER A 20 7.37 4.95 -9.04
N GLY A 21 7.43 5.29 -7.78
CA GLY A 21 7.45 4.24 -6.72
C GLY A 21 6.35 4.52 -5.71
N GLN A 22 5.32 5.21 -6.12
CA GLN A 22 4.21 5.52 -5.18
C GLN A 22 3.39 4.26 -4.88
N ARG A 23 4.01 3.27 -4.30
CA ARG A 23 3.28 2.00 -3.96
C ARG A 23 2.23 2.28 -2.90
N TYR A 24 1.13 2.89 -3.27
CA TYR A 24 0.08 3.13 -2.24
C TYR A 24 -0.60 1.81 -1.94
N PHE A 25 -0.88 1.56 -0.70
CA PHE A 25 -1.50 0.25 -0.35
C PHE A 25 -3.01 0.32 -0.35
N LEU A 26 -3.59 -0.62 -1.06
CA LEU A 26 -5.06 -0.70 -1.20
C LEU A 26 -5.69 -1.42 -0.01
N ASN A 27 -6.39 -0.69 0.82
CA ASN A 27 -7.05 -1.33 2.00
C ASN A 27 -8.34 -2.02 1.57
N HIS A 28 -8.37 -3.33 1.59
CA HIS A 28 -9.60 -4.06 1.18
C HIS A 28 -10.60 -4.09 2.32
N ILE A 29 -10.14 -4.37 3.51
CA ILE A 29 -11.07 -4.41 4.69
C ILE A 29 -11.81 -3.08 4.83
N ASP A 30 -11.27 -2.02 4.28
CA ASP A 30 -11.94 -0.70 4.38
C ASP A 30 -12.09 -0.06 2.99
N GLN A 31 -11.63 -0.72 1.96
CA GLN A 31 -11.76 -0.14 0.60
C GLN A 31 -11.17 1.26 0.55
N THR A 32 -9.87 1.38 0.63
CA THR A 32 -9.23 2.73 0.59
C THR A 32 -7.78 2.62 0.09
N THR A 33 -7.08 3.72 0.03
CA THR A 33 -5.66 3.68 -0.43
C THR A 33 -4.78 4.52 0.50
N THR A 34 -3.62 4.03 0.81
CA THR A 34 -2.71 4.82 1.71
C THR A 34 -1.28 4.83 1.14
N TRP A 35 -0.40 5.58 1.73
CA TRP A 35 1.00 5.64 1.22
C TRP A 35 1.92 4.87 2.19
N GLN A 36 2.00 5.32 3.41
CA GLN A 36 2.88 4.62 4.40
C GLN A 36 2.48 3.14 4.48
N ASP A 37 3.41 2.29 4.80
CA ASP A 37 3.09 0.84 4.90
C ASP A 37 2.40 0.54 6.24
N PRO A 38 1.34 -0.25 6.20
CA PRO A 38 0.61 -0.60 7.43
C PRO A 38 1.39 -1.65 8.25
N ARG A 39 2.52 -2.08 7.76
CA ARG A 39 3.32 -3.10 8.51
C ARG A 39 4.81 -2.88 8.29
N LYS A 40 5.50 -2.37 9.27
CA LYS A 40 6.96 -2.14 9.11
C LYS A 40 7.23 -1.29 7.87
N GLY B 1 -5.65 13.63 -3.39
CA GLY B 1 -4.70 13.07 -2.38
C GLY B 1 -4.48 11.58 -2.67
N PRO B 2 -5.19 10.74 -1.96
CA PRO B 2 -5.05 9.28 -2.16
C PRO B 2 -5.69 8.84 -3.49
N PRO B 3 -5.17 7.79 -4.06
CA PRO B 3 -5.71 7.28 -5.34
C PRO B 3 -7.10 6.66 -5.14
N PRO B 4 -7.84 6.53 -6.21
CA PRO B 4 -9.20 5.96 -6.13
C PRO B 4 -9.12 4.44 -5.92
N TYR B 5 -10.22 3.82 -5.60
CA TYR B 5 -10.21 2.34 -5.37
C TYR B 5 -11.64 1.83 -5.14
N PHE A 1 13.16 -1.39 -4.05
CA PHE A 1 13.02 -2.81 -3.59
C PHE A 1 11.72 -2.99 -2.79
N GLU A 2 10.78 -3.71 -3.33
CA GLU A 2 9.49 -3.91 -2.59
C GLU A 2 9.77 -4.44 -1.19
N ILE A 3 8.75 -4.53 -0.36
CA ILE A 3 8.96 -5.05 1.02
C ILE A 3 9.58 -6.46 0.97
N PRO A 4 10.50 -6.71 1.87
CA PRO A 4 11.16 -8.04 1.91
C PRO A 4 10.21 -9.10 2.46
N ASP A 5 10.69 -10.29 2.69
CA ASP A 5 9.80 -11.37 3.23
C ASP A 5 9.48 -11.11 4.70
N ASP A 6 10.06 -10.10 5.30
CA ASP A 6 9.76 -9.81 6.73
C ASP A 6 8.31 -9.35 6.89
N VAL A 7 7.38 -10.25 6.79
CA VAL A 7 5.94 -9.88 6.95
C VAL A 7 5.59 -8.75 5.97
N PRO A 8 4.99 -9.12 4.86
CA PRO A 8 4.59 -8.11 3.84
C PRO A 8 3.40 -7.29 4.36
N LEU A 9 2.66 -6.68 3.48
CA LEU A 9 1.49 -5.86 3.91
C LEU A 9 0.59 -6.69 4.86
N PRO A 10 -0.44 -6.06 5.36
CA PRO A 10 -1.36 -6.76 6.29
C PRO A 10 -2.42 -7.53 5.51
N ALA A 11 -3.21 -8.31 6.20
CA ALA A 11 -4.27 -9.10 5.49
C ALA A 11 -5.34 -8.17 4.93
N GLY A 12 -5.98 -8.56 3.87
CA GLY A 12 -7.04 -7.69 3.27
C GLY A 12 -6.43 -6.33 2.90
N TRP A 13 -5.27 -6.33 2.31
CA TRP A 13 -4.64 -5.04 1.92
C TRP A 13 -3.84 -5.19 0.63
N GLU A 14 -4.43 -4.86 -0.49
CA GLU A 14 -3.69 -4.97 -1.78
C GLU A 14 -2.73 -3.78 -1.89
N MET A 15 -2.07 -3.63 -2.99
CA MET A 15 -1.15 -2.48 -3.16
C MET A 15 -1.12 -2.06 -4.62
N ALA A 16 -0.62 -0.89 -4.88
CA ALA A 16 -0.58 -0.43 -6.28
C ALA A 16 0.27 0.83 -6.40
N LYS A 17 0.97 1.00 -7.48
CA LYS A 17 1.83 2.20 -7.64
C LYS A 17 1.17 3.23 -8.56
N THR A 18 0.97 4.42 -8.08
CA THR A 18 0.34 5.47 -8.93
C THR A 18 1.41 6.43 -9.45
N SER A 19 2.63 6.00 -9.51
CA SER A 19 3.73 6.88 -10.00
C SER A 19 5.05 6.11 -10.02
N SER A 20 6.17 6.78 -9.89
CA SER A 20 7.46 6.06 -9.89
C SER A 20 7.45 4.96 -8.83
N GLY A 21 7.46 5.33 -7.58
CA GLY A 21 7.42 4.31 -6.50
C GLY A 21 6.26 4.63 -5.56
N GLN A 22 5.22 5.20 -6.08
CA GLN A 22 4.03 5.54 -5.22
C GLN A 22 3.20 4.28 -4.96
N ARG A 23 3.81 3.26 -4.41
CA ARG A 23 3.06 1.99 -4.11
C ARG A 23 2.00 2.23 -3.04
N TYR A 24 0.97 2.96 -3.36
CA TYR A 24 -0.09 3.19 -2.33
C TYR A 24 -0.74 1.86 -2.02
N PHE A 25 -0.95 1.59 -0.77
CA PHE A 25 -1.53 0.29 -0.38
C PHE A 25 -3.05 0.33 -0.38
N LEU A 26 -3.62 -0.59 -1.09
CA LEU A 26 -5.10 -0.69 -1.23
C LEU A 26 -5.72 -1.41 -0.03
N ASN A 27 -6.46 -0.70 0.77
CA ASN A 27 -7.11 -1.34 1.95
C ASN A 27 -8.39 -2.04 1.51
N HIS A 28 -8.43 -3.34 1.59
CA HIS A 28 -9.66 -4.07 1.17
C HIS A 28 -10.68 -4.10 2.30
N ILE A 29 -10.27 -4.49 3.47
CA ILE A 29 -11.21 -4.53 4.63
C ILE A 29 -11.94 -3.19 4.79
N ASP A 30 -11.35 -2.13 4.29
CA ASP A 30 -12.00 -0.80 4.40
C ASP A 30 -12.07 -0.10 3.03
N GLN A 31 -11.59 -0.74 1.99
CA GLN A 31 -11.63 -0.10 0.65
C GLN A 31 -11.02 1.30 0.70
N THR A 32 -9.71 1.40 0.70
CA THR A 32 -9.07 2.74 0.74
C THR A 32 -7.65 2.66 0.17
N THR A 33 -6.94 3.76 0.16
CA THR A 33 -5.55 3.75 -0.38
C THR A 33 -4.63 4.59 0.52
N THR A 34 -3.52 4.03 0.93
CA THR A 34 -2.59 4.81 1.81
C THR A 34 -1.19 4.83 1.20
N TRP A 35 -0.33 5.69 1.67
CA TRP A 35 1.05 5.75 1.11
C TRP A 35 2.04 5.05 2.05
N GLN A 36 2.24 5.61 3.22
CA GLN A 36 3.19 4.97 4.18
C GLN A 36 2.75 3.55 4.50
N ASP A 37 3.38 2.57 3.92
CA ASP A 37 2.99 1.16 4.20
C ASP A 37 2.93 0.90 5.70
N PRO A 38 2.02 0.05 6.10
CA PRO A 38 1.87 -0.27 7.55
C PRO A 38 3.04 -1.12 8.04
N ARG A 39 3.77 -1.73 7.14
CA ARG A 39 4.93 -2.57 7.56
C ARG A 39 6.15 -1.69 7.82
N LYS A 40 6.79 -1.19 6.80
CA LYS A 40 7.99 -0.33 7.01
C LYS A 40 8.48 0.21 5.66
N GLY B 1 -3.10 13.68 -3.37
CA GLY B 1 -4.48 13.11 -3.21
C GLY B 1 -4.40 11.58 -3.30
N PRO B 2 -5.25 10.93 -2.53
CA PRO B 2 -5.27 9.45 -2.53
C PRO B 2 -5.88 8.92 -3.84
N PRO B 3 -5.37 7.81 -4.30
CA PRO B 3 -5.88 7.21 -5.56
C PRO B 3 -7.26 6.59 -5.34
N PRO B 4 -8.03 6.50 -6.39
CA PRO B 4 -9.40 5.92 -6.29
C PRO B 4 -9.32 4.40 -6.10
N TYR B 5 -10.32 3.81 -5.51
CA TYR B 5 -10.31 2.33 -5.32
C TYR B 5 -11.73 1.82 -5.06
N PHE A 1 17.20 3.84 6.65
CA PHE A 1 16.74 4.24 5.29
C PHE A 1 15.22 4.09 5.18
N GLU A 2 14.72 3.87 4.00
CA GLU A 2 13.24 3.72 3.83
C GLU A 2 12.78 2.37 4.39
N ILE A 3 11.63 1.91 3.98
CA ILE A 3 11.12 0.60 4.48
C ILE A 3 12.12 -0.53 4.12
N PRO A 4 12.28 -1.46 5.02
CA PRO A 4 13.20 -2.60 4.77
C PRO A 4 12.60 -3.56 3.74
N ASP A 5 13.13 -4.76 3.66
CA ASP A 5 12.59 -5.74 2.68
C ASP A 5 12.28 -7.06 3.37
N ASP A 6 12.10 -7.04 4.66
CA ASP A 6 11.79 -8.30 5.39
C ASP A 6 10.42 -8.20 6.08
N VAL A 7 9.42 -7.76 5.37
CA VAL A 7 8.07 -7.63 5.99
C VAL A 7 7.05 -7.22 4.93
N PRO A 8 6.20 -8.15 4.54
CA PRO A 8 5.17 -7.85 3.51
C PRO A 8 4.09 -6.94 4.10
N LEU A 9 2.93 -6.91 3.50
CA LEU A 9 1.84 -6.04 4.04
C LEU A 9 0.87 -6.87 4.89
N PRO A 10 -0.22 -6.26 5.28
CA PRO A 10 -1.22 -6.97 6.11
C PRO A 10 -2.25 -7.69 5.24
N ALA A 11 -3.07 -8.52 5.85
CA ALA A 11 -4.08 -9.28 5.06
C ALA A 11 -5.19 -8.35 4.57
N GLY A 12 -6.00 -8.80 3.66
CA GLY A 12 -7.11 -7.93 3.15
C GLY A 12 -6.54 -6.59 2.71
N TRP A 13 -5.28 -6.56 2.37
CA TRP A 13 -4.65 -5.27 1.96
C TRP A 13 -3.86 -5.46 0.66
N GLU A 14 -4.38 -4.97 -0.44
CA GLU A 14 -3.64 -5.09 -1.72
C GLU A 14 -2.69 -3.90 -1.86
N MET A 15 -2.02 -3.79 -2.97
CA MET A 15 -1.10 -2.63 -3.15
C MET A 15 -1.10 -2.20 -4.61
N ALA A 16 -0.61 -1.02 -4.88
CA ALA A 16 -0.59 -0.54 -6.27
C ALA A 16 0.23 0.74 -6.37
N LYS A 17 0.98 0.92 -7.42
CA LYS A 17 1.80 2.14 -7.55
C LYS A 17 1.16 3.12 -8.54
N THR A 18 1.16 4.39 -8.23
CA THR A 18 0.54 5.38 -9.15
C THR A 18 1.59 6.37 -9.65
N SER A 19 2.84 5.96 -9.70
CA SER A 19 3.91 6.88 -10.17
C SER A 19 5.26 6.14 -10.18
N SER A 20 6.34 6.85 -10.08
CA SER A 20 7.67 6.19 -10.07
C SER A 20 7.71 5.13 -8.97
N GLY A 21 7.53 5.52 -7.74
CA GLY A 21 7.54 4.54 -6.62
C GLY A 21 6.37 4.82 -5.69
N GLN A 22 5.35 5.49 -6.17
CA GLN A 22 4.18 5.79 -5.30
C GLN A 22 3.38 4.52 -5.03
N ARG A 23 4.00 3.56 -4.37
CA ARG A 23 3.28 2.29 -4.05
C ARG A 23 2.23 2.52 -2.98
N TYR A 24 1.06 2.99 -3.34
CA TYR A 24 0.02 3.19 -2.30
C TYR A 24 -0.62 1.85 -1.98
N PHE A 25 -0.92 1.61 -0.75
CA PHE A 25 -1.49 0.29 -0.39
C PHE A 25 -3.01 0.30 -0.35
N LEU A 26 -3.56 -0.68 -1.02
CA LEU A 26 -5.03 -0.81 -1.13
C LEU A 26 -5.62 -1.54 0.09
N ASN A 27 -6.58 -0.94 0.73
CA ASN A 27 -7.22 -1.59 1.91
C ASN A 27 -8.59 -2.12 1.52
N HIS A 28 -8.75 -3.42 1.47
CA HIS A 28 -10.09 -3.98 1.10
C HIS A 28 -11.02 -3.99 2.31
N ILE A 29 -10.54 -4.46 3.43
CA ILE A 29 -11.40 -4.49 4.65
C ILE A 29 -11.98 -3.09 4.90
N ASP A 30 -11.35 -2.07 4.41
CA ASP A 30 -11.86 -0.69 4.61
C ASP A 30 -11.91 0.07 3.28
N GLN A 31 -11.76 -0.64 2.17
CA GLN A 31 -11.80 -0.01 0.80
C GLN A 31 -11.15 1.39 0.80
N THR A 32 -9.86 1.45 1.04
CA THR A 32 -9.18 2.78 1.05
C THR A 32 -7.74 2.64 0.52
N THR A 33 -7.09 3.74 0.23
CA THR A 33 -5.70 3.67 -0.29
C THR A 33 -4.79 4.58 0.53
N THR A 34 -3.66 4.07 0.98
CA THR A 34 -2.73 4.91 1.78
C THR A 34 -1.34 4.91 1.13
N TRP A 35 -0.46 5.75 1.60
CA TRP A 35 0.91 5.79 1.00
C TRP A 35 1.93 5.20 1.98
N GLN A 36 1.96 5.68 3.19
CA GLN A 36 2.93 5.15 4.19
C GLN A 36 2.82 3.63 4.27
N ASP A 37 3.85 2.93 3.91
CA ASP A 37 3.80 1.43 3.97
C ASP A 37 3.36 0.97 5.37
N PRO A 38 2.14 0.47 5.45
CA PRO A 38 1.61 0.00 6.75
C PRO A 38 2.29 -1.31 7.15
N ARG A 39 3.58 -1.28 7.34
CA ARG A 39 4.31 -2.52 7.74
C ARG A 39 5.74 -2.18 8.17
N LYS A 40 5.95 -1.00 8.69
CA LYS A 40 7.32 -0.62 9.14
C LYS A 40 7.47 -0.83 10.65
N GLY B 1 -3.24 11.88 -5.72
CA GLY B 1 -4.53 12.03 -4.98
C GLY B 1 -5.13 10.65 -4.74
N PRO B 2 -6.44 10.58 -4.79
CA PRO B 2 -7.15 9.29 -4.57
C PRO B 2 -6.91 8.35 -5.76
N PRO B 3 -6.18 7.29 -5.52
CA PRO B 3 -5.90 6.31 -6.61
C PRO B 3 -7.17 5.54 -6.98
N PRO B 4 -7.11 4.79 -8.05
CA PRO B 4 -8.29 4.00 -8.50
C PRO B 4 -8.52 2.80 -7.58
N TYR B 5 -9.73 2.66 -7.09
CA TYR B 5 -10.03 1.51 -6.19
C TYR B 5 -11.51 1.49 -5.84
N PHE A 1 9.71 -5.46 -4.39
CA PHE A 1 10.72 -5.16 -3.35
C PHE A 1 10.03 -4.87 -2.01
N GLU A 2 9.07 -5.67 -1.64
CA GLU A 2 8.36 -5.43 -0.35
C GLU A 2 9.29 -5.70 0.83
N ILE A 3 8.76 -5.90 2.00
CA ILE A 3 9.63 -6.16 3.18
C ILE A 3 9.36 -7.57 3.73
N PRO A 4 9.73 -8.56 2.98
CA PRO A 4 9.53 -9.97 3.41
C PRO A 4 10.50 -10.33 4.54
N ASP A 5 11.59 -9.62 4.66
CA ASP A 5 12.56 -9.91 5.74
C ASP A 5 11.86 -9.94 7.10
N ASP A 6 10.78 -9.21 7.24
CA ASP A 6 10.05 -9.19 8.53
C ASP A 6 8.57 -9.50 8.31
N VAL A 7 7.81 -8.53 7.90
CA VAL A 7 6.35 -8.78 7.66
C VAL A 7 5.85 -7.88 6.52
N PRO A 8 5.24 -8.50 5.53
CA PRO A 8 4.72 -7.73 4.37
C PRO A 8 3.49 -6.92 4.78
N LEU A 9 2.67 -6.54 3.84
CA LEU A 9 1.46 -5.75 4.20
C LEU A 9 0.55 -6.57 5.11
N PRO A 10 -0.53 -5.96 5.55
CA PRO A 10 -1.47 -6.66 6.45
C PRO A 10 -2.48 -7.48 5.65
N ALA A 11 -3.29 -8.26 6.31
CA ALA A 11 -4.28 -9.10 5.58
C ALA A 11 -5.37 -8.22 4.95
N GLY A 12 -5.97 -8.66 3.89
CA GLY A 12 -7.03 -7.84 3.24
C GLY A 12 -6.47 -6.47 2.87
N TRP A 13 -5.30 -6.43 2.28
CA TRP A 13 -4.70 -5.12 1.91
C TRP A 13 -3.92 -5.23 0.61
N GLU A 14 -4.51 -4.89 -0.50
CA GLU A 14 -3.76 -4.96 -1.79
C GLU A 14 -2.81 -3.77 -1.87
N MET A 15 -2.11 -3.62 -2.95
CA MET A 15 -1.17 -2.48 -3.09
C MET A 15 -1.08 -2.09 -4.55
N ALA A 16 -0.64 -0.90 -4.82
CA ALA A 16 -0.53 -0.47 -6.24
C ALA A 16 0.33 0.80 -6.34
N LYS A 17 0.97 1.00 -7.45
CA LYS A 17 1.83 2.21 -7.60
C LYS A 17 1.08 3.32 -8.33
N THR A 18 1.24 4.54 -7.90
CA THR A 18 0.52 5.66 -8.58
C THR A 18 1.50 6.70 -9.13
N SER A 19 2.77 6.39 -9.16
CA SER A 19 3.78 7.36 -9.68
C SER A 19 5.17 6.75 -9.61
N SER A 20 5.64 6.16 -10.70
CA SER A 20 6.99 5.52 -10.71
C SER A 20 7.01 4.39 -9.67
N GLY A 21 7.16 4.72 -8.43
CA GLY A 21 7.17 3.67 -7.37
C GLY A 21 6.32 4.15 -6.19
N GLN A 22 5.46 5.12 -6.40
CA GLN A 22 4.60 5.60 -5.29
C GLN A 22 3.77 4.43 -4.77
N ARG A 23 4.30 3.71 -3.82
CA ARG A 23 3.60 2.51 -3.28
C ARG A 23 2.42 2.89 -2.41
N TYR A 24 1.25 2.98 -2.98
CA TYR A 24 0.07 3.29 -2.14
C TYR A 24 -0.66 1.98 -1.90
N PHE A 25 -0.91 1.65 -0.68
CA PHE A 25 -1.54 0.35 -0.38
C PHE A 25 -3.06 0.42 -0.40
N LEU A 26 -3.64 -0.56 -1.02
CA LEU A 26 -5.11 -0.64 -1.18
C LEU A 26 -5.75 -1.42 -0.03
N ASN A 27 -6.39 -0.74 0.87
CA ASN A 27 -7.05 -1.45 2.00
C ASN A 27 -8.34 -2.11 1.50
N HIS A 28 -8.42 -3.42 1.58
CA HIS A 28 -9.65 -4.12 1.11
C HIS A 28 -10.71 -4.14 2.21
N ILE A 29 -10.35 -4.56 3.39
CA ILE A 29 -11.33 -4.60 4.51
C ILE A 29 -11.98 -3.23 4.68
N ASP A 30 -11.32 -2.19 4.22
CA ASP A 30 -11.89 -0.82 4.35
C ASP A 30 -12.03 -0.17 2.97
N GLN A 31 -11.50 -0.79 1.95
CA GLN A 31 -11.61 -0.20 0.58
C GLN A 31 -11.05 1.22 0.56
N THR A 32 -9.75 1.37 0.59
CA THR A 32 -9.16 2.73 0.57
C THR A 32 -7.68 2.66 0.15
N THR A 33 -7.08 3.79 -0.13
CA THR A 33 -5.64 3.79 -0.55
C THR A 33 -4.82 4.69 0.38
N THR A 34 -3.71 4.20 0.85
CA THR A 34 -2.87 5.03 1.76
C THR A 34 -1.39 4.96 1.34
N TRP A 35 -0.56 5.77 1.94
CA TRP A 35 0.89 5.75 1.56
C TRP A 35 1.71 4.99 2.61
N GLN A 36 2.99 4.92 2.43
CA GLN A 36 3.85 4.20 3.42
C GLN A 36 3.28 2.81 3.72
N ASP A 37 3.89 2.10 4.63
CA ASP A 37 3.39 0.74 4.98
C ASP A 37 2.91 0.71 6.43
N PRO A 38 1.95 -0.15 6.70
CA PRO A 38 1.40 -0.26 8.07
C PRO A 38 2.41 -0.94 9.00
N ARG A 39 3.36 -1.65 8.44
CA ARG A 39 4.37 -2.34 9.30
C ARG A 39 5.78 -1.81 8.97
N LYS A 40 6.36 -2.29 7.89
CA LYS A 40 7.71 -1.82 7.52
C LYS A 40 8.68 -2.00 8.70
N GLY B 1 -4.62 14.04 -3.96
CA GLY B 1 -5.30 13.24 -2.90
C GLY B 1 -4.91 11.77 -3.03
N PRO B 2 -5.68 10.91 -2.40
CA PRO B 2 -5.40 9.46 -2.46
C PRO B 2 -5.73 8.90 -3.84
N PRO B 3 -5.00 7.88 -4.25
CA PRO B 3 -5.24 7.26 -5.57
C PRO B 3 -6.54 6.44 -5.55
N PRO B 4 -7.06 6.17 -6.73
CA PRO B 4 -8.31 5.38 -6.83
C PRO B 4 -8.07 3.91 -6.47
N TYR B 5 -9.09 3.10 -6.48
CA TYR B 5 -8.91 1.67 -6.15
C TYR B 5 -9.06 0.80 -7.40
N PHE A 1 16.86 2.02 4.80
CA PHE A 1 15.73 2.85 4.32
C PHE A 1 14.51 2.66 5.23
N GLU A 2 13.66 3.64 5.32
CA GLU A 2 12.46 3.51 6.18
C GLU A 2 11.54 2.40 5.66
N ILE A 3 11.53 2.18 4.37
CA ILE A 3 10.66 1.12 3.81
C ILE A 3 11.52 0.02 3.17
N PRO A 4 12.18 -0.75 4.00
CA PRO A 4 13.05 -1.85 3.51
C PRO A 4 12.21 -3.01 2.97
N ASP A 5 10.91 -2.94 3.10
CA ASP A 5 10.05 -4.05 2.59
C ASP A 5 10.51 -5.39 3.19
N ASP A 6 11.18 -5.35 4.30
CA ASP A 6 11.65 -6.62 4.94
C ASP A 6 10.46 -7.50 5.30
N VAL A 7 9.54 -6.98 6.08
CA VAL A 7 8.35 -7.79 6.48
C VAL A 7 7.30 -7.73 5.36
N PRO A 8 6.38 -8.67 5.40
CA PRO A 8 5.31 -8.71 4.38
C PRO A 8 4.31 -7.57 4.61
N LEU A 9 3.12 -7.69 4.09
CA LEU A 9 2.10 -6.61 4.28
C LEU A 9 0.98 -7.12 5.21
N PRO A 10 -0.04 -6.31 5.35
CA PRO A 10 -1.18 -6.68 6.21
C PRO A 10 -2.20 -7.51 5.42
N ALA A 11 -2.95 -8.33 6.09
CA ALA A 11 -3.96 -9.17 5.38
C ALA A 11 -5.10 -8.31 4.83
N GLY A 12 -5.78 -8.76 3.81
CA GLY A 12 -6.90 -7.97 3.23
C GLY A 12 -6.40 -6.57 2.88
N TRP A 13 -5.28 -6.48 2.22
CA TRP A 13 -4.73 -5.14 1.85
C TRP A 13 -4.03 -5.19 0.50
N GLU A 14 -4.69 -4.82 -0.56
CA GLU A 14 -4.01 -4.83 -1.88
C GLU A 14 -3.06 -3.65 -1.97
N MET A 15 -2.41 -3.47 -3.08
CA MET A 15 -1.49 -2.32 -3.23
C MET A 15 -1.43 -1.91 -4.69
N ALA A 16 -1.07 -0.68 -4.95
CA ALA A 16 -1.02 -0.22 -6.34
C ALA A 16 -0.09 1.00 -6.44
N LYS A 17 0.65 1.10 -7.51
CA LYS A 17 1.58 2.26 -7.64
C LYS A 17 1.03 3.29 -8.62
N THR A 18 1.20 4.55 -8.32
CA THR A 18 0.69 5.61 -9.23
C THR A 18 1.84 6.49 -9.71
N SER A 19 3.03 5.95 -9.76
CA SER A 19 4.22 6.74 -10.23
C SER A 19 5.47 5.86 -10.13
N SER A 20 6.62 6.46 -9.96
CA SER A 20 7.87 5.63 -9.85
C SER A 20 7.68 4.57 -8.77
N GLY A 21 7.84 4.94 -7.53
CA GLY A 21 7.62 3.96 -6.44
C GLY A 21 6.48 4.46 -5.55
N GLN A 22 5.58 5.23 -6.11
CA GLN A 22 4.43 5.74 -5.33
C GLN A 22 3.52 4.56 -5.00
N ARG A 23 3.97 3.72 -4.12
CA ARG A 23 3.20 2.51 -3.75
C ARG A 23 2.10 2.84 -2.75
N TYR A 24 0.92 3.13 -3.21
CA TYR A 24 -0.17 3.39 -2.25
C TYR A 24 -0.91 2.08 -2.00
N PHE A 25 -0.99 1.69 -0.78
CA PHE A 25 -1.63 0.39 -0.47
C PHE A 25 -3.14 0.50 -0.43
N LEU A 26 -3.77 -0.48 -0.99
CA LEU A 26 -5.25 -0.52 -1.09
C LEU A 26 -5.86 -1.36 0.02
N ASN A 27 -6.32 -0.74 1.07
CA ASN A 27 -6.94 -1.51 2.18
C ASN A 27 -8.22 -2.18 1.68
N HIS A 28 -8.26 -3.48 1.68
CA HIS A 28 -9.49 -4.19 1.19
C HIS A 28 -10.55 -4.22 2.29
N ILE A 29 -10.21 -4.73 3.45
CA ILE A 29 -11.20 -4.78 4.56
C ILE A 29 -11.79 -3.39 4.80
N ASP A 30 -11.07 -2.37 4.42
CA ASP A 30 -11.58 -0.98 4.63
C ASP A 30 -11.86 -0.30 3.28
N GLN A 31 -11.43 -0.89 2.20
CA GLN A 31 -11.67 -0.28 0.86
C GLN A 31 -11.12 1.16 0.83
N THR A 32 -9.84 1.32 0.98
CA THR A 32 -9.25 2.69 0.95
C THR A 32 -7.79 2.65 0.46
N THR A 33 -7.26 3.78 0.08
CA THR A 33 -5.85 3.80 -0.42
C THR A 33 -4.98 4.64 0.51
N THR A 34 -3.76 4.25 0.72
CA THR A 34 -2.85 5.03 1.60
C THR A 34 -1.40 4.87 1.15
N TRP A 35 -0.61 5.89 1.28
CA TRP A 35 0.81 5.80 0.84
C TRP A 35 1.63 5.04 1.90
N GLN A 36 1.78 5.59 3.07
CA GLN A 36 2.56 4.90 4.12
C GLN A 36 1.63 4.39 5.21
N ASP A 37 1.72 3.12 5.53
CA ASP A 37 0.83 2.54 6.60
C ASP A 37 1.19 1.07 6.83
N PRO A 38 1.05 0.27 5.80
CA PRO A 38 1.37 -1.18 5.93
C PRO A 38 2.89 -1.37 6.02
N ARG A 39 3.33 -2.52 6.46
CA ARG A 39 4.79 -2.77 6.56
C ARG A 39 5.46 -1.65 7.37
N LYS A 40 4.72 -0.97 8.19
CA LYS A 40 5.32 0.13 9.00
C LYS A 40 4.82 0.05 10.45
N GLY B 1 -4.39 14.38 -2.12
CA GLY B 1 -5.49 13.44 -1.77
C GLY B 1 -5.06 12.01 -2.10
N PRO B 2 -5.76 11.06 -1.53
CA PRO B 2 -5.43 9.63 -1.79
C PRO B 2 -5.86 9.23 -3.20
N PRO B 3 -5.23 8.20 -3.73
CA PRO B 3 -5.55 7.73 -5.09
C PRO B 3 -6.89 6.98 -5.08
N PRO B 4 -7.46 6.80 -6.27
CA PRO B 4 -8.75 6.09 -6.37
C PRO B 4 -8.55 4.59 -6.15
N TYR B 5 -9.47 3.94 -5.48
CA TYR B 5 -9.33 2.49 -5.23
C TYR B 5 -9.77 1.69 -6.47
N PHE A 1 19.14 2.53 2.34
CA PHE A 1 18.36 3.75 2.01
C PHE A 1 17.01 3.38 1.41
N GLU A 2 16.25 2.56 2.10
CA GLU A 2 14.92 2.16 1.56
C GLU A 2 14.15 1.34 2.60
N ILE A 3 12.89 1.10 2.38
CA ILE A 3 12.09 0.32 3.36
C ILE A 3 12.77 -1.04 3.63
N PRO A 4 12.72 -1.47 4.87
CA PRO A 4 13.34 -2.76 5.25
C PRO A 4 12.51 -3.93 4.71
N ASP A 5 13.15 -5.01 4.35
CA ASP A 5 12.39 -6.18 3.82
C ASP A 5 12.31 -7.27 4.89
N ASP A 6 11.53 -7.04 5.92
CA ASP A 6 11.40 -8.07 7.00
C ASP A 6 9.96 -8.56 7.08
N VAL A 7 9.03 -7.81 6.57
CA VAL A 7 7.60 -8.24 6.63
C VAL A 7 6.90 -7.95 5.29
N PRO A 8 6.00 -8.83 4.90
CA PRO A 8 5.28 -8.66 3.63
C PRO A 8 4.24 -7.53 3.75
N LEU A 9 3.06 -7.83 4.23
CA LEU A 9 2.03 -6.76 4.37
C LEU A 9 0.88 -7.26 5.27
N PRO A 10 -0.13 -6.43 5.41
CA PRO A 10 -1.28 -6.80 6.24
C PRO A 10 -2.34 -7.54 5.42
N ALA A 11 -3.16 -8.33 6.06
CA ALA A 11 -4.21 -9.08 5.29
C ALA A 11 -5.32 -8.14 4.84
N GLY A 12 -6.08 -8.53 3.85
CA GLY A 12 -7.18 -7.65 3.36
C GLY A 12 -6.59 -6.30 2.94
N TRP A 13 -5.36 -6.30 2.48
CA TRP A 13 -4.73 -5.03 2.06
C TRP A 13 -3.97 -5.21 0.74
N GLU A 14 -4.54 -4.81 -0.36
CA GLU A 14 -3.82 -4.95 -1.65
C GLU A 14 -2.86 -3.77 -1.80
N MET A 15 -2.17 -3.68 -2.90
CA MET A 15 -1.25 -2.54 -3.10
C MET A 15 -1.20 -2.16 -4.57
N ALA A 16 -0.67 -1.02 -4.87
CA ALA A 16 -0.61 -0.58 -6.28
C ALA A 16 0.24 0.68 -6.40
N LYS A 17 0.94 0.84 -7.47
CA LYS A 17 1.79 2.05 -7.63
C LYS A 17 1.10 3.10 -8.50
N THR A 18 1.04 4.32 -8.04
CA THR A 18 0.37 5.38 -8.85
C THR A 18 1.38 6.43 -9.33
N SER A 19 2.65 6.12 -9.29
CA SER A 19 3.66 7.11 -9.75
C SER A 19 5.07 6.49 -9.73
N SER A 20 6.09 7.29 -9.59
CA SER A 20 7.48 6.76 -9.57
C SER A 20 7.70 5.92 -8.31
N GLY A 21 7.15 4.74 -8.28
CA GLY A 21 7.32 3.86 -7.09
C GLY A 21 6.28 4.23 -6.02
N GLN A 22 5.27 4.97 -6.38
CA GLN A 22 4.24 5.34 -5.38
C GLN A 22 3.37 4.12 -5.05
N ARG A 23 3.97 3.09 -4.52
CA ARG A 23 3.20 1.86 -4.16
C ARG A 23 2.18 2.17 -3.08
N TYR A 24 1.11 2.82 -3.41
CA TYR A 24 0.09 3.11 -2.36
C TYR A 24 -0.62 1.81 -2.02
N PHE A 25 -0.89 1.60 -0.77
CA PHE A 25 -1.52 0.33 -0.37
C PHE A 25 -3.04 0.42 -0.35
N LEU A 26 -3.65 -0.50 -1.03
CA LEU A 26 -5.12 -0.56 -1.17
C LEU A 26 -5.76 -1.23 0.04
N ASN A 27 -6.48 -0.48 0.83
CA ASN A 27 -7.15 -1.09 2.02
C ASN A 27 -8.34 -1.93 1.55
N HIS A 28 -8.19 -3.23 1.55
CA HIS A 28 -9.32 -4.09 1.10
C HIS A 28 -10.36 -4.24 2.20
N ILE A 29 -9.93 -4.36 3.43
CA ILE A 29 -10.90 -4.50 4.55
C ILE A 29 -11.74 -3.24 4.70
N ASP A 30 -11.27 -2.14 4.20
CA ASP A 30 -12.05 -0.86 4.31
C ASP A 30 -12.14 -0.15 2.96
N GLN A 31 -11.70 -0.79 1.90
CA GLN A 31 -11.76 -0.13 0.56
C GLN A 31 -11.15 1.27 0.61
N THR A 32 -9.85 1.35 0.61
CA THR A 32 -9.18 2.69 0.67
C THR A 32 -7.77 2.61 0.10
N THR A 33 -7.02 3.68 0.20
CA THR A 33 -5.63 3.67 -0.33
C THR A 33 -4.74 4.61 0.49
N THR A 34 -3.58 4.14 0.90
CA THR A 34 -2.67 5.01 1.70
C THR A 34 -1.25 4.94 1.13
N TRP A 35 -0.34 5.70 1.69
CA TRP A 35 1.06 5.68 1.17
C TRP A 35 1.96 4.92 2.15
N GLN A 36 2.02 5.35 3.38
CA GLN A 36 2.89 4.66 4.38
C GLN A 36 2.57 3.16 4.40
N ASP A 37 3.54 2.34 4.08
CA ASP A 37 3.31 0.87 4.08
C ASP A 37 3.05 0.39 5.52
N PRO A 38 1.84 -0.05 5.78
CA PRO A 38 1.50 -0.54 7.14
C PRO A 38 2.17 -1.89 7.40
N ARG A 39 3.46 -1.93 7.40
CA ARG A 39 4.19 -3.22 7.65
C ARG A 39 5.70 -2.98 7.73
N LYS A 40 6.09 -1.84 8.24
CA LYS A 40 7.55 -1.56 8.34
C LYS A 40 8.10 -2.06 9.68
N GLY B 1 -3.09 13.74 -4.32
CA GLY B 1 -4.08 13.20 -3.35
C GLY B 1 -4.06 11.67 -3.39
N PRO B 2 -4.92 11.07 -2.59
CA PRO B 2 -4.99 9.59 -2.55
C PRO B 2 -5.63 9.05 -3.83
N PRO B 3 -5.18 7.89 -4.25
CA PRO B 3 -5.72 7.26 -5.47
C PRO B 3 -7.13 6.70 -5.22
N PRO B 4 -7.93 6.67 -6.25
CA PRO B 4 -9.31 6.15 -6.11
C PRO B 4 -9.30 4.62 -5.97
N TYR B 5 -10.25 4.07 -5.26
CA TYR B 5 -10.30 2.60 -5.10
C TYR B 5 -11.70 2.16 -4.64
N PHE A 1 16.19 -1.74 4.74
CA PHE A 1 15.20 -2.82 5.01
C PHE A 1 13.78 -2.24 5.02
N GLU A 2 13.06 -2.40 3.94
CA GLU A 2 11.67 -1.86 3.88
C GLU A 2 10.66 -2.98 4.19
N ILE A 3 10.54 -3.93 3.31
CA ILE A 3 9.58 -5.04 3.54
C ILE A 3 10.33 -6.36 3.72
N PRO A 4 9.91 -7.14 4.70
CA PRO A 4 10.58 -8.44 4.96
C PRO A 4 10.16 -9.48 3.92
N ASP A 5 10.38 -10.73 4.18
CA ASP A 5 10.00 -11.79 3.21
C ASP A 5 8.76 -12.54 3.71
N ASP A 6 8.61 -12.66 4.99
CA ASP A 6 7.42 -13.38 5.53
C ASP A 6 6.16 -12.53 5.38
N VAL A 7 5.95 -11.57 6.25
CA VAL A 7 4.74 -10.71 6.15
C VAL A 7 5.14 -9.32 5.65
N PRO A 8 5.06 -9.13 4.35
CA PRO A 8 5.40 -7.82 3.75
C PRO A 8 4.33 -6.78 4.06
N LEU A 9 3.09 -7.18 4.05
CA LEU A 9 1.99 -6.22 4.36
C LEU A 9 0.92 -6.89 5.22
N PRO A 10 -0.17 -6.19 5.42
CA PRO A 10 -1.28 -6.73 6.25
C PRO A 10 -2.26 -7.53 5.39
N ALA A 11 -3.04 -8.37 5.99
CA ALA A 11 -4.03 -9.19 5.22
C ALA A 11 -5.17 -8.30 4.72
N GLY A 12 -5.93 -8.75 3.76
CA GLY A 12 -7.06 -7.93 3.23
C GLY A 12 -6.52 -6.55 2.84
N TRP A 13 -5.36 -6.50 2.26
CA TRP A 13 -4.77 -5.19 1.87
C TRP A 13 -4.02 -5.32 0.54
N GLU A 14 -4.62 -4.92 -0.55
CA GLU A 14 -3.89 -5.01 -1.86
C GLU A 14 -2.94 -3.83 -1.96
N MET A 15 -2.25 -3.70 -3.05
CA MET A 15 -1.32 -2.56 -3.21
C MET A 15 -1.17 -2.22 -4.68
N ALA A 16 -0.66 -1.06 -4.97
CA ALA A 16 -0.50 -0.67 -6.39
C ALA A 16 0.31 0.63 -6.47
N LYS A 17 1.08 0.80 -7.51
CA LYS A 17 1.89 2.04 -7.63
C LYS A 17 1.24 3.00 -8.63
N THR A 18 1.21 4.28 -8.32
CA THR A 18 0.59 5.25 -9.26
C THR A 18 1.64 6.23 -9.82
N SER A 19 2.89 6.08 -9.44
CA SER A 19 3.94 7.00 -9.97
C SER A 19 5.32 6.35 -9.86
N SER A 20 6.36 7.14 -9.78
CA SER A 20 7.73 6.57 -9.67
C SER A 20 7.98 6.07 -8.24
N GLY A 21 7.43 4.94 -7.90
CA GLY A 21 7.62 4.40 -6.52
C GLY A 21 6.41 4.73 -5.64
N GLN A 22 5.43 5.40 -6.18
CA GLN A 22 4.24 5.74 -5.36
C GLN A 22 3.42 4.47 -5.10
N ARG A 23 4.00 3.52 -4.41
CA ARG A 23 3.26 2.25 -4.11
C ARG A 23 2.22 2.50 -3.03
N TYR A 24 1.03 2.88 -3.39
CA TYR A 24 -0.02 3.10 -2.36
C TYR A 24 -0.69 1.78 -2.08
N PHE A 25 -0.96 1.49 -0.84
CA PHE A 25 -1.57 0.18 -0.53
C PHE A 25 -3.08 0.29 -0.39
N LEU A 26 -3.72 -0.61 -1.07
CA LEU A 26 -5.19 -0.67 -1.13
C LEU A 26 -5.78 -1.45 0.04
N ASN A 27 -6.52 -0.80 0.89
CA ASN A 27 -7.13 -1.49 2.05
C ASN A 27 -8.47 -2.11 1.63
N HIS A 28 -8.60 -3.40 1.71
CA HIS A 28 -9.88 -4.06 1.32
C HIS A 28 -10.87 -4.04 2.49
N ILE A 29 -10.46 -4.54 3.62
CA ILE A 29 -11.37 -4.54 4.80
C ILE A 29 -11.92 -3.14 5.06
N ASP A 30 -11.23 -2.13 4.59
CA ASP A 30 -11.71 -0.73 4.79
C ASP A 30 -11.94 -0.04 3.44
N GLN A 31 -11.51 -0.65 2.36
CA GLN A 31 -11.71 -0.04 1.02
C GLN A 31 -11.10 1.37 0.99
N THR A 32 -9.80 1.46 0.96
CA THR A 32 -9.15 2.81 0.92
C THR A 32 -7.72 2.70 0.39
N THR A 33 -7.17 3.77 -0.10
CA THR A 33 -5.76 3.73 -0.62
C THR A 33 -4.85 4.63 0.22
N THR A 34 -3.75 4.10 0.69
CA THR A 34 -2.83 4.94 1.51
C THR A 34 -1.41 4.85 0.92
N TRP A 35 -0.51 5.67 1.40
CA TRP A 35 0.88 5.64 0.87
C TRP A 35 1.82 4.99 1.89
N GLN A 36 1.99 5.61 3.03
CA GLN A 36 2.89 5.03 4.07
C GLN A 36 2.54 3.57 4.34
N ASP A 37 3.47 2.68 4.17
CA ASP A 37 3.18 1.23 4.41
C ASP A 37 2.69 1.03 5.85
N PRO A 38 1.85 0.04 6.04
CA PRO A 38 1.31 -0.25 7.39
C PRO A 38 2.40 -0.87 8.28
N ARG A 39 3.42 -1.42 7.68
CA ARG A 39 4.52 -2.03 8.50
C ARG A 39 5.81 -1.24 8.33
N LYS A 40 6.13 -0.86 7.12
CA LYS A 40 7.39 -0.08 6.89
C LYS A 40 7.28 1.29 7.57
N GLY B 1 -4.17 13.55 -5.14
CA GLY B 1 -5.08 12.93 -4.11
C GLY B 1 -4.88 11.40 -4.11
N PRO B 2 -5.77 10.71 -3.44
CA PRO B 2 -5.67 9.24 -3.36
C PRO B 2 -6.05 8.60 -4.70
N PRO B 3 -5.37 7.53 -5.04
CA PRO B 3 -5.64 6.84 -6.32
C PRO B 3 -6.98 6.08 -6.24
N PRO B 4 -7.54 5.80 -7.40
CA PRO B 4 -8.84 5.08 -7.44
C PRO B 4 -8.64 3.60 -7.07
N TYR B 5 -9.47 3.07 -6.21
CA TYR B 5 -9.32 1.64 -5.81
C TYR B 5 -9.67 0.73 -6.99
N PHE A 1 13.88 -1.94 -2.73
CA PHE A 1 14.35 -1.03 -1.64
C PHE A 1 14.52 -1.81 -0.32
N GLU A 2 13.45 -1.96 0.43
CA GLU A 2 13.56 -2.71 1.72
C GLU A 2 12.23 -3.40 2.04
N ILE A 3 12.15 -4.69 1.83
CA ILE A 3 10.89 -5.41 2.12
C ILE A 3 11.18 -6.88 2.45
N PRO A 4 10.48 -7.41 3.42
CA PRO A 4 10.69 -8.83 3.82
C PRO A 4 10.11 -9.77 2.76
N ASP A 5 10.29 -11.05 2.94
CA ASP A 5 9.75 -12.02 1.94
C ASP A 5 8.73 -12.95 2.60
N ASP A 6 7.75 -12.39 3.25
CA ASP A 6 6.72 -13.24 3.91
C ASP A 6 5.44 -12.44 4.13
N VAL A 7 5.46 -11.51 5.06
CA VAL A 7 4.24 -10.71 5.32
C VAL A 7 4.59 -9.21 5.37
N PRO A 8 4.76 -8.63 4.20
CA PRO A 8 5.10 -7.19 4.11
C PRO A 8 3.89 -6.32 4.50
N LEU A 9 2.77 -6.56 3.87
CA LEU A 9 1.56 -5.76 4.21
C LEU A 9 0.64 -6.54 5.14
N PRO A 10 -0.44 -5.91 5.55
CA PRO A 10 -1.39 -6.57 6.46
C PRO A 10 -2.42 -7.37 5.66
N ALA A 11 -3.26 -8.13 6.32
CA ALA A 11 -4.26 -8.95 5.60
C ALA A 11 -5.33 -8.05 4.96
N GLY A 12 -5.98 -8.53 3.93
CA GLY A 12 -7.03 -7.70 3.27
C GLY A 12 -6.43 -6.35 2.85
N TRP A 13 -5.22 -6.35 2.37
CA TRP A 13 -4.60 -5.07 1.94
C TRP A 13 -3.80 -5.26 0.65
N GLU A 14 -4.34 -4.89 -0.47
CA GLU A 14 -3.57 -5.02 -1.74
C GLU A 14 -2.64 -3.82 -1.85
N MET A 15 -1.96 -3.69 -2.95
CA MET A 15 -1.06 -2.52 -3.11
C MET A 15 -0.91 -2.17 -4.59
N ALA A 16 -0.46 -0.99 -4.87
CA ALA A 16 -0.32 -0.59 -6.29
C ALA A 16 0.44 0.75 -6.39
N LYS A 17 1.22 0.90 -7.41
CA LYS A 17 2.00 2.17 -7.56
C LYS A 17 1.26 3.12 -8.49
N THR A 18 1.09 4.36 -8.10
CA THR A 18 0.35 5.31 -8.99
C THR A 18 1.24 6.47 -9.43
N SER A 19 2.54 6.35 -9.29
CA SER A 19 3.44 7.47 -9.73
C SER A 19 4.91 7.08 -9.58
N SER A 20 5.33 6.02 -10.21
CA SER A 20 6.75 5.60 -10.10
C SER A 20 7.20 5.53 -8.63
N GLY A 21 7.16 4.37 -8.05
CA GLY A 21 7.57 4.24 -6.62
C GLY A 21 6.42 4.64 -5.70
N GLN A 22 5.33 5.11 -6.24
CA GLN A 22 4.18 5.51 -5.37
C GLN A 22 3.33 4.27 -5.04
N ARG A 23 3.96 3.24 -4.54
CA ARG A 23 3.22 1.98 -4.19
C ARG A 23 2.23 2.25 -3.07
N TYR A 24 1.15 2.89 -3.37
CA TYR A 24 0.13 3.16 -2.32
C TYR A 24 -0.56 1.82 -2.00
N PHE A 25 -0.85 1.58 -0.76
CA PHE A 25 -1.45 0.27 -0.43
C PHE A 25 -2.97 0.32 -0.40
N LEU A 26 -3.55 -0.65 -1.06
CA LEU A 26 -5.02 -0.75 -1.17
C LEU A 26 -5.63 -1.47 0.03
N ASN A 27 -6.50 -0.80 0.75
CA ASN A 27 -7.15 -1.46 1.92
C ASN A 27 -8.47 -2.08 1.48
N HIS A 28 -8.54 -3.38 1.41
CA HIS A 28 -9.81 -4.03 0.98
C HIS A 28 -10.82 -4.06 2.13
N ILE A 29 -10.38 -4.39 3.31
CA ILE A 29 -11.32 -4.43 4.47
C ILE A 29 -11.99 -3.06 4.66
N ASP A 30 -11.41 -2.03 4.12
CA ASP A 30 -12.01 -0.66 4.28
C ASP A 30 -12.09 0.06 2.93
N GLN A 31 -11.72 -0.60 1.86
CA GLN A 31 -11.77 0.05 0.51
C GLN A 31 -11.10 1.44 0.55
N THR A 32 -9.83 1.48 0.82
CA THR A 32 -9.13 2.80 0.87
C THR A 32 -7.68 2.65 0.38
N THR A 33 -6.96 3.73 0.29
CA THR A 33 -5.54 3.65 -0.18
C THR A 33 -4.64 4.50 0.72
N THR A 34 -3.51 3.97 1.12
CA THR A 34 -2.59 4.75 1.99
C THR A 34 -1.20 4.86 1.35
N TRP A 35 -0.38 5.75 1.84
CA TRP A 35 0.98 5.90 1.26
C TRP A 35 2.06 5.61 2.32
N GLN A 36 1.72 5.75 3.57
CA GLN A 36 2.71 5.49 4.65
C GLN A 36 3.15 4.01 4.64
N ASP A 37 2.44 3.17 3.94
CA ASP A 37 2.82 1.73 3.88
C ASP A 37 2.87 1.16 5.30
N PRO A 38 1.78 0.56 5.73
CA PRO A 38 1.72 -0.03 7.09
C PRO A 38 2.56 -1.32 7.14
N ARG A 39 3.16 -1.60 8.26
CA ARG A 39 3.99 -2.83 8.38
C ARG A 39 5.03 -2.87 7.26
N LYS A 40 6.24 -2.44 7.53
CA LYS A 40 7.29 -2.45 6.49
C LYS A 40 8.62 -2.93 7.08
N GLY B 1 -3.36 12.24 -5.24
CA GLY B 1 -4.60 12.30 -4.41
C GLY B 1 -5.18 10.89 -4.24
N PRO B 2 -6.48 10.81 -4.21
CA PRO B 2 -7.14 9.49 -4.04
C PRO B 2 -7.02 8.66 -5.33
N PRO B 3 -6.28 7.57 -5.24
CA PRO B 3 -6.09 6.70 -6.42
C PRO B 3 -7.38 5.95 -6.73
N PRO B 4 -7.39 5.25 -7.85
CA PRO B 4 -8.60 4.49 -8.25
C PRO B 4 -8.76 3.22 -7.38
N TYR B 5 -9.94 3.01 -6.85
CA TYR B 5 -10.17 1.80 -6.01
C TYR B 5 -11.64 1.72 -5.61
N PHE A 1 15.37 2.03 4.37
CA PHE A 1 13.95 2.00 3.91
C PHE A 1 13.71 0.80 2.99
N GLU A 2 13.22 -0.28 3.53
CA GLU A 2 12.96 -1.48 2.68
C GLU A 2 12.07 -2.48 3.44
N ILE A 3 11.12 -3.06 2.75
CA ILE A 3 10.22 -4.04 3.43
C ILE A 3 10.97 -5.35 3.71
N PRO A 4 10.65 -5.96 4.82
CA PRO A 4 11.32 -7.24 5.19
C PRO A 4 10.83 -8.38 4.30
N ASP A 5 11.11 -9.60 4.67
CA ASP A 5 10.66 -10.75 3.84
C ASP A 5 9.98 -11.81 4.71
N ASP A 6 9.52 -11.42 5.87
CA ASP A 6 8.86 -12.40 6.78
C ASP A 6 7.37 -12.07 6.91
N VAL A 7 7.03 -10.81 6.92
CA VAL A 7 5.60 -10.41 7.06
C VAL A 7 5.27 -9.28 6.09
N PRO A 8 4.66 -9.62 4.98
CA PRO A 8 4.29 -8.60 3.96
C PRO A 8 3.13 -7.74 4.48
N LEU A 9 2.42 -7.09 3.59
CA LEU A 9 1.28 -6.23 4.03
C LEU A 9 0.34 -7.02 4.95
N PRO A 10 -0.67 -6.35 5.44
CA PRO A 10 -1.64 -7.01 6.35
C PRO A 10 -2.70 -7.77 5.55
N ALA A 11 -3.52 -8.53 6.21
CA ALA A 11 -4.57 -9.30 5.50
C ALA A 11 -5.60 -8.36 4.88
N GLY A 12 -6.22 -8.76 3.80
CA GLY A 12 -7.24 -7.88 3.16
C GLY A 12 -6.62 -6.52 2.84
N TRP A 13 -5.48 -6.51 2.20
CA TRP A 13 -4.83 -5.20 1.87
C TRP A 13 -4.05 -5.29 0.56
N GLU A 14 -4.66 -4.93 -0.53
CA GLU A 14 -3.92 -4.98 -1.83
C GLU A 14 -2.93 -3.82 -1.87
N MET A 15 -2.21 -3.68 -2.94
CA MET A 15 -1.25 -2.55 -3.02
C MET A 15 -1.15 -2.08 -4.47
N ALA A 16 -0.74 -0.87 -4.67
CA ALA A 16 -0.64 -0.35 -6.04
C ALA A 16 0.33 0.84 -6.07
N LYS A 17 1.15 0.92 -7.07
CA LYS A 17 2.14 2.04 -7.13
C LYS A 17 1.71 3.08 -8.17
N THR A 18 1.88 4.33 -7.87
CA THR A 18 1.47 5.39 -8.85
C THR A 18 2.64 6.35 -9.12
N SER A 19 2.73 6.86 -10.32
CA SER A 19 3.85 7.79 -10.66
C SER A 19 5.19 7.16 -10.29
N SER A 20 5.83 6.54 -11.24
CA SER A 20 7.15 5.88 -10.97
C SER A 20 6.96 4.75 -9.96
N GLY A 21 6.82 5.08 -8.71
CA GLY A 21 6.58 4.05 -7.68
C GLY A 21 5.44 4.49 -6.78
N GLN A 22 5.74 5.21 -5.73
CA GLN A 22 4.65 5.67 -4.81
C GLN A 22 3.80 4.45 -4.43
N ARG A 23 4.32 3.62 -3.57
CA ARG A 23 3.59 2.40 -3.17
C ARG A 23 2.43 2.72 -2.23
N TYR A 24 1.27 2.94 -2.76
CA TYR A 24 0.11 3.20 -1.88
C TYR A 24 -0.65 1.90 -1.70
N PHE A 25 -0.85 1.51 -0.48
CA PHE A 25 -1.51 0.21 -0.25
C PHE A 25 -3.03 0.32 -0.26
N LEU A 26 -3.64 -0.62 -0.90
CA LEU A 26 -5.11 -0.65 -1.06
C LEU A 26 -5.77 -1.44 0.06
N ASN A 27 -6.41 -0.76 0.98
CA ASN A 27 -7.09 -1.48 2.09
C ASN A 27 -8.37 -2.14 1.57
N HIS A 28 -8.46 -3.43 1.63
CA HIS A 28 -9.68 -4.13 1.14
C HIS A 28 -10.75 -4.15 2.23
N ILE A 29 -10.39 -4.58 3.41
CA ILE A 29 -11.38 -4.62 4.52
C ILE A 29 -12.02 -3.25 4.70
N ASP A 30 -11.35 -2.21 4.26
CA ASP A 30 -11.93 -0.84 4.40
C ASP A 30 -12.07 -0.18 3.02
N GLN A 31 -11.55 -0.79 1.99
CA GLN A 31 -11.66 -0.19 0.63
C GLN A 31 -11.10 1.23 0.62
N THR A 32 -9.80 1.38 0.74
CA THR A 32 -9.20 2.73 0.74
C THR A 32 -7.74 2.67 0.30
N THR A 33 -7.15 3.78 -0.07
CA THR A 33 -5.74 3.78 -0.51
C THR A 33 -4.88 4.63 0.45
N THR A 34 -3.74 4.13 0.85
CA THR A 34 -2.86 4.91 1.76
C THR A 34 -1.41 4.77 1.32
N TRP A 35 -0.57 5.72 1.66
CA TRP A 35 0.86 5.63 1.25
C TRP A 35 1.68 4.94 2.33
N GLN A 36 2.97 4.93 2.19
CA GLN A 36 3.83 4.27 3.21
C GLN A 36 3.35 2.83 3.45
N ASP A 37 3.73 2.25 4.56
CA ASP A 37 3.29 0.86 4.86
C ASP A 37 2.50 0.81 6.17
N PRO A 38 1.44 0.05 6.18
CA PRO A 38 0.60 -0.06 7.41
C PRO A 38 1.33 -0.87 8.49
N ARG A 39 2.47 -1.43 8.18
CA ARG A 39 3.22 -2.23 9.19
C ARG A 39 4.48 -1.49 9.62
N LYS A 40 5.25 -1.01 8.68
CA LYS A 40 6.50 -0.28 9.03
C LYS A 40 6.19 0.85 10.02
N GLY B 1 -6.01 13.54 -4.61
CA GLY B 1 -5.36 13.12 -3.33
C GLY B 1 -5.02 11.63 -3.40
N PRO B 2 -5.87 10.81 -2.82
CA PRO B 2 -5.65 9.34 -2.83
C PRO B 2 -5.87 8.76 -4.24
N PRO B 3 -5.12 7.75 -4.57
CA PRO B 3 -5.26 7.11 -5.91
C PRO B 3 -6.55 6.30 -5.98
N PRO B 4 -6.97 5.97 -7.18
CA PRO B 4 -8.21 5.19 -7.37
C PRO B 4 -7.98 3.73 -6.95
N TYR B 5 -9.01 3.06 -6.50
CA TYR B 5 -8.86 1.64 -6.08
C TYR B 5 -9.00 0.72 -7.30
N PHE A 1 14.90 5.53 -6.21
CA PHE A 1 14.08 4.92 -5.13
C PHE A 1 14.66 3.56 -4.73
N GLU A 2 14.07 2.90 -3.78
CA GLU A 2 14.58 1.57 -3.35
C GLU A 2 13.64 0.94 -2.32
N ILE A 3 13.18 -0.25 -2.57
CA ILE A 3 12.26 -0.91 -1.60
C ILE A 3 12.79 -2.31 -1.23
N PRO A 4 12.64 -2.68 0.02
CA PRO A 4 13.12 -3.99 0.49
C PRO A 4 12.22 -5.10 -0.06
N ASP A 5 12.80 -6.14 -0.61
CA ASP A 5 11.98 -7.25 -1.15
C ASP A 5 11.55 -8.20 -0.02
N ASP A 6 12.36 -8.32 1.00
CA ASP A 6 12.00 -9.22 2.12
C ASP A 6 11.02 -8.51 3.08
N VAL A 7 9.85 -8.21 2.61
CA VAL A 7 8.85 -7.53 3.49
C VAL A 7 7.42 -7.79 2.98
N PRO A 8 6.72 -8.68 3.66
CA PRO A 8 5.34 -9.02 3.25
C PRO A 8 4.40 -7.84 3.57
N LEU A 9 3.13 -8.09 3.68
CA LEU A 9 2.17 -6.98 3.97
C LEU A 9 1.06 -7.49 4.91
N PRO A 10 0.08 -6.65 5.14
CA PRO A 10 -1.04 -7.04 6.02
C PRO A 10 -2.13 -7.76 5.22
N ALA A 11 -2.92 -8.56 5.87
CA ALA A 11 -4.00 -9.30 5.15
C ALA A 11 -5.12 -8.34 4.73
N GLY A 12 -5.88 -8.69 3.73
CA GLY A 12 -6.98 -7.80 3.28
C GLY A 12 -6.41 -6.44 2.90
N TRP A 13 -5.24 -6.42 2.32
CA TRP A 13 -4.63 -5.12 1.94
C TRP A 13 -3.94 -5.22 0.57
N GLU A 14 -4.59 -4.75 -0.47
CA GLU A 14 -3.94 -4.80 -1.82
C GLU A 14 -2.95 -3.64 -1.92
N MET A 15 -2.25 -3.52 -3.01
CA MET A 15 -1.30 -2.39 -3.16
C MET A 15 -1.31 -1.93 -4.60
N ALA A 16 -0.77 -0.76 -4.85
CA ALA A 16 -0.77 -0.25 -6.24
C ALA A 16 0.16 0.97 -6.34
N LYS A 17 0.82 1.14 -7.45
CA LYS A 17 1.75 2.29 -7.60
C LYS A 17 1.10 3.38 -8.47
N THR A 18 1.04 4.58 -7.96
CA THR A 18 0.44 5.69 -8.76
C THR A 18 1.54 6.62 -9.29
N SER A 19 2.74 6.10 -9.42
CA SER A 19 3.87 6.94 -9.93
C SER A 19 5.13 6.08 -10.06
N SER A 20 6.28 6.69 -9.95
CA SER A 20 7.55 5.89 -10.06
C SER A 20 7.51 4.73 -9.05
N GLY A 21 7.51 5.04 -7.78
CA GLY A 21 7.46 3.96 -6.75
C GLY A 21 6.38 4.31 -5.73
N GLN A 22 5.39 5.05 -6.14
CA GLN A 22 4.30 5.41 -5.19
C GLN A 22 3.38 4.21 -4.94
N ARG A 23 3.93 3.14 -4.45
CA ARG A 23 3.12 1.91 -4.18
C ARG A 23 2.10 2.18 -3.06
N TYR A 24 1.12 2.98 -3.32
CA TYR A 24 0.12 3.23 -2.25
C TYR A 24 -0.61 1.93 -1.94
N PHE A 25 -0.77 1.63 -0.69
CA PHE A 25 -1.42 0.36 -0.32
C PHE A 25 -2.93 0.48 -0.26
N LEU A 26 -3.57 -0.42 -0.92
CA LEU A 26 -5.05 -0.44 -1.01
C LEU A 26 -5.67 -1.21 0.17
N ASN A 27 -6.39 -0.52 1.01
CA ASN A 27 -7.04 -1.19 2.16
C ASN A 27 -8.22 -2.02 1.65
N HIS A 28 -8.13 -3.32 1.68
CA HIS A 28 -9.24 -4.16 1.19
C HIS A 28 -10.35 -4.24 2.26
N ILE A 29 -9.98 -4.44 3.49
CA ILE A 29 -11.00 -4.53 4.57
C ILE A 29 -11.70 -3.18 4.72
N ASP A 30 -11.08 -2.12 4.28
CA ASP A 30 -11.72 -0.78 4.41
C ASP A 30 -12.00 -0.18 3.01
N GLN A 31 -11.54 -0.83 1.97
CA GLN A 31 -11.77 -0.30 0.59
C GLN A 31 -11.25 1.13 0.48
N THR A 32 -9.96 1.32 0.60
CA THR A 32 -9.39 2.69 0.48
C THR A 32 -7.91 2.62 0.09
N THR A 33 -7.27 3.76 -0.08
CA THR A 33 -5.83 3.74 -0.47
C THR A 33 -5.01 4.57 0.52
N THR A 34 -3.77 4.19 0.74
CA THR A 34 -2.91 4.95 1.68
C THR A 34 -1.44 4.78 1.31
N TRP A 35 -0.62 5.74 1.62
CA TRP A 35 0.83 5.61 1.28
C TRP A 35 1.53 4.69 2.29
N GLN A 36 2.78 4.92 2.56
CA GLN A 36 3.51 4.05 3.54
C GLN A 36 2.71 3.96 4.84
N ASP A 37 2.74 2.81 5.47
CA ASP A 37 1.99 2.65 6.75
C ASP A 37 2.24 1.26 7.36
N PRO A 38 1.90 0.23 6.61
CA PRO A 38 2.10 -1.15 7.11
C PRO A 38 3.59 -1.51 7.08
N ARG A 39 4.33 -0.96 6.16
CA ARG A 39 5.79 -1.27 6.08
C ARG A 39 6.55 -0.09 5.47
N LYS A 40 6.51 0.03 4.17
CA LYS A 40 7.23 1.16 3.51
C LYS A 40 6.40 1.69 2.33
N GLY B 1 -3.60 14.24 -2.72
CA GLY B 1 -4.84 13.43 -2.54
C GLY B 1 -4.51 11.94 -2.72
N PRO B 2 -5.26 11.10 -2.04
CA PRO B 2 -5.03 9.64 -2.14
C PRO B 2 -5.50 9.11 -3.50
N PRO B 3 -4.84 8.09 -3.97
CA PRO B 3 -5.20 7.49 -5.28
C PRO B 3 -6.52 6.71 -5.17
N PRO B 4 -7.12 6.43 -6.30
CA PRO B 4 -8.40 5.68 -6.31
C PRO B 4 -8.16 4.19 -5.99
N TYR B 5 -9.17 3.39 -6.09
CA TYR B 5 -9.00 1.93 -5.80
C TYR B 5 -9.16 1.10 -7.08
N PHE A 1 14.89 0.81 7.71
CA PHE A 1 14.14 1.84 6.92
C PHE A 1 13.73 1.27 5.56
N GLU A 2 13.03 0.18 5.55
CA GLU A 2 12.61 -0.42 4.25
C GLU A 2 11.68 -1.62 4.50
N ILE A 3 11.60 -2.52 3.55
CA ILE A 3 10.71 -3.70 3.73
C ILE A 3 11.52 -4.91 4.24
N PRO A 4 11.39 -5.20 5.50
CA PRO A 4 12.13 -6.35 6.09
C PRO A 4 11.54 -7.68 5.60
N ASP A 5 12.25 -8.76 5.79
CA ASP A 5 11.73 -10.08 5.33
C ASP A 5 10.96 -10.76 6.46
N ASP A 6 9.68 -10.53 6.53
CA ASP A 6 8.86 -11.17 7.61
C ASP A 6 7.39 -10.84 7.41
N VAL A 7 7.03 -9.59 7.53
CA VAL A 7 5.60 -9.22 7.35
C VAL A 7 5.50 -7.89 6.59
N PRO A 8 5.27 -7.98 5.29
CA PRO A 8 5.17 -6.77 4.46
C PRO A 8 3.86 -6.02 4.75
N LEU A 9 2.79 -6.36 4.08
CA LEU A 9 1.50 -5.66 4.33
C LEU A 9 0.59 -6.52 5.21
N PRO A 10 -0.53 -5.95 5.60
CA PRO A 10 -1.49 -6.68 6.45
C PRO A 10 -2.45 -7.51 5.59
N ALA A 11 -3.27 -8.32 6.21
CA ALA A 11 -4.22 -9.16 5.44
C ALA A 11 -5.33 -8.28 4.84
N GLY A 12 -5.96 -8.73 3.80
CA GLY A 12 -7.05 -7.93 3.17
C GLY A 12 -6.50 -6.55 2.79
N TRP A 13 -5.31 -6.49 2.26
CA TRP A 13 -4.74 -5.18 1.88
C TRP A 13 -3.97 -5.28 0.57
N GLU A 14 -4.57 -4.89 -0.53
CA GLU A 14 -3.83 -4.95 -1.82
C GLU A 14 -2.87 -3.77 -1.89
N MET A 15 -2.15 -3.64 -2.96
CA MET A 15 -1.21 -2.50 -3.08
C MET A 15 -1.07 -2.11 -4.55
N ALA A 16 -0.60 -0.92 -4.80
CA ALA A 16 -0.46 -0.49 -6.22
C ALA A 16 0.38 0.79 -6.28
N LYS A 17 1.05 0.99 -7.38
CA LYS A 17 1.90 2.21 -7.52
C LYS A 17 1.16 3.29 -8.32
N THR A 18 1.09 4.48 -7.79
CA THR A 18 0.36 5.56 -8.54
C THR A 18 1.36 6.49 -9.24
N SER A 19 2.60 6.09 -9.34
CA SER A 19 3.62 6.94 -10.02
C SER A 19 4.85 6.09 -10.35
N SER A 20 6.02 6.66 -10.34
CA SER A 20 7.24 5.84 -10.63
C SER A 20 7.27 4.63 -9.68
N GLY A 21 7.09 4.88 -8.41
CA GLY A 21 7.07 3.76 -7.42
C GLY A 21 6.27 4.21 -6.21
N GLN A 22 5.39 5.17 -6.36
CA GLN A 22 4.57 5.61 -5.20
C GLN A 22 3.75 4.42 -4.70
N ARG A 23 4.31 3.66 -3.80
CA ARG A 23 3.62 2.46 -3.29
C ARG A 23 2.44 2.83 -2.39
N TYR A 24 1.28 2.97 -2.95
CA TYR A 24 0.10 3.26 -2.10
C TYR A 24 -0.63 1.95 -1.87
N PHE A 25 -0.89 1.63 -0.65
CA PHE A 25 -1.53 0.34 -0.36
C PHE A 25 -3.05 0.42 -0.38
N LEU A 26 -3.64 -0.54 -1.01
CA LEU A 26 -5.11 -0.59 -1.17
C LEU A 26 -5.75 -1.41 -0.04
N ASN A 27 -6.40 -0.74 0.88
CA ASN A 27 -7.06 -1.46 1.99
C ASN A 27 -8.35 -2.11 1.48
N HIS A 28 -8.44 -3.41 1.53
CA HIS A 28 -9.67 -4.09 1.03
C HIS A 28 -10.74 -4.12 2.13
N ILE A 29 -10.38 -4.58 3.30
CA ILE A 29 -11.38 -4.62 4.42
C ILE A 29 -12.01 -3.24 4.61
N ASP A 30 -11.33 -2.21 4.19
CA ASP A 30 -11.89 -0.84 4.34
C ASP A 30 -12.02 -0.15 2.97
N GLN A 31 -11.50 -0.75 1.93
CA GLN A 31 -11.58 -0.13 0.58
C GLN A 31 -11.01 1.28 0.59
N THR A 32 -9.71 1.40 0.63
CA THR A 32 -9.10 2.77 0.65
C THR A 32 -7.62 2.70 0.22
N THR A 33 -7.02 3.83 -0.04
CA THR A 33 -5.58 3.82 -0.46
C THR A 33 -4.75 4.70 0.49
N THR A 34 -3.67 4.19 0.99
CA THR A 34 -2.82 5.00 1.92
C THR A 34 -1.36 4.97 1.48
N TRP A 35 -0.56 5.87 1.97
CA TRP A 35 0.89 5.90 1.57
C TRP A 35 1.76 5.49 2.75
N GLN A 36 1.48 6.01 3.91
CA GLN A 36 2.29 5.67 5.12
C GLN A 36 2.41 4.14 5.27
N ASP A 37 1.49 3.41 4.72
CA ASP A 37 1.53 1.90 4.83
C ASP A 37 1.41 1.48 6.30
N PRO A 38 0.55 0.52 6.55
CA PRO A 38 0.35 0.04 7.94
C PRO A 38 1.56 -0.80 8.39
N ARG A 39 2.22 -1.44 7.46
CA ARG A 39 3.40 -2.26 7.83
C ARG A 39 4.57 -1.98 6.88
N LYS A 40 5.37 -0.99 7.20
CA LYS A 40 6.53 -0.66 6.31
C LYS A 40 7.71 -1.58 6.62
N GLY B 1 -5.69 13.44 -4.40
CA GLY B 1 -5.05 12.90 -3.17
C GLY B 1 -4.79 11.40 -3.34
N PRO B 2 -5.66 10.59 -2.80
CA PRO B 2 -5.50 9.12 -2.90
C PRO B 2 -5.80 8.65 -4.32
N PRO B 3 -5.07 7.65 -4.76
CA PRO B 3 -5.28 7.11 -6.14
C PRO B 3 -6.59 6.31 -6.20
N PRO B 4 -7.03 6.01 -7.40
CA PRO B 4 -8.28 5.24 -7.58
C PRO B 4 -8.06 3.77 -7.21
N TYR B 5 -9.00 3.18 -6.54
CA TYR B 5 -8.84 1.74 -6.16
C TYR B 5 -8.99 0.85 -7.39
N PHE A 1 13.32 4.97 0.28
CA PHE A 1 12.58 4.78 -1.00
C PHE A 1 12.89 3.39 -1.57
N GLU A 2 14.09 2.92 -1.40
CA GLU A 2 14.44 1.57 -1.94
C GLU A 2 14.09 0.48 -0.93
N ILE A 3 12.89 0.51 -0.41
CA ILE A 3 12.48 -0.53 0.59
C ILE A 3 12.74 -1.93 0.03
N PRO A 4 13.18 -2.83 0.89
CA PRO A 4 13.45 -4.21 0.44
C PRO A 4 12.14 -4.96 0.18
N ASP A 5 12.07 -5.72 -0.88
CA ASP A 5 10.83 -6.47 -1.19
C ASP A 5 10.75 -7.73 -0.33
N ASP A 6 10.46 -7.57 0.93
CA ASP A 6 10.36 -8.77 1.83
C ASP A 6 9.38 -8.50 2.96
N VAL A 7 8.18 -8.09 2.64
CA VAL A 7 7.18 -7.82 3.71
C VAL A 7 5.83 -8.44 3.35
N PRO A 8 5.30 -9.25 4.24
CA PRO A 8 4.00 -9.91 3.98
C PRO A 8 2.84 -8.90 4.08
N LEU A 9 3.12 -7.69 4.49
CA LEU A 9 2.03 -6.67 4.60
C LEU A 9 0.89 -7.21 5.47
N PRO A 10 -0.16 -6.43 5.59
CA PRO A 10 -1.32 -6.83 6.40
C PRO A 10 -2.33 -7.61 5.53
N ALA A 11 -3.15 -8.42 6.15
CA ALA A 11 -4.15 -9.20 5.36
C ALA A 11 -5.29 -8.29 4.89
N GLY A 12 -6.03 -8.70 3.89
CA GLY A 12 -7.14 -7.85 3.37
C GLY A 12 -6.58 -6.48 2.98
N TRP A 13 -5.40 -6.47 2.42
CA TRP A 13 -4.79 -5.17 2.03
C TRP A 13 -4.08 -5.29 0.68
N GLU A 14 -4.70 -4.88 -0.38
CA GLU A 14 -4.00 -4.96 -1.70
C GLU A 14 -3.01 -3.82 -1.81
N MET A 15 -2.31 -3.72 -2.89
CA MET A 15 -1.34 -2.60 -3.05
C MET A 15 -1.27 -2.18 -4.51
N ALA A 16 -0.93 -0.96 -4.75
CA ALA A 16 -0.86 -0.47 -6.14
C ALA A 16 0.12 0.70 -6.20
N LYS A 17 1.01 0.70 -7.15
CA LYS A 17 2.01 1.79 -7.23
C LYS A 17 1.62 2.82 -8.31
N THR A 18 1.77 4.08 -8.01
CA THR A 18 1.43 5.13 -9.01
C THR A 18 2.60 6.11 -9.13
N SER A 19 2.67 6.86 -10.19
CA SER A 19 3.78 7.83 -10.36
C SER A 19 5.13 7.08 -10.21
N SER A 20 6.10 7.68 -9.55
CA SER A 20 7.40 6.99 -9.38
C SER A 20 7.26 5.77 -8.47
N GLY A 21 6.60 4.74 -8.93
CA GLY A 21 6.40 3.52 -8.10
C GLY A 21 5.84 3.90 -6.72
N GLN A 22 5.11 4.99 -6.64
CA GLN A 22 4.53 5.39 -5.33
C GLN A 22 3.69 4.22 -4.79
N ARG A 23 4.29 3.39 -3.99
CA ARG A 23 3.56 2.20 -3.47
C ARG A 23 2.43 2.61 -2.52
N TYR A 24 1.27 2.83 -3.03
CA TYR A 24 0.13 3.17 -2.14
C TYR A 24 -0.66 1.90 -1.90
N PHE A 25 -0.80 1.53 -0.67
CA PHE A 25 -1.50 0.26 -0.37
C PHE A 25 -3.01 0.42 -0.39
N LEU A 26 -3.63 -0.56 -0.98
CA LEU A 26 -5.12 -0.55 -1.14
C LEU A 26 -5.78 -1.30 0.02
N ASN A 27 -6.44 -0.58 0.88
CA ASN A 27 -7.13 -1.23 2.02
C ASN A 27 -8.33 -2.03 1.51
N HIS A 28 -8.30 -3.33 1.65
CA HIS A 28 -9.45 -4.15 1.16
C HIS A 28 -10.55 -4.22 2.24
N ILE A 29 -10.16 -4.45 3.47
CA ILE A 29 -11.17 -4.53 4.55
C ILE A 29 -11.88 -3.18 4.71
N ASP A 30 -11.25 -2.11 4.27
CA ASP A 30 -11.88 -0.77 4.40
C ASP A 30 -12.09 -0.13 3.02
N GLN A 31 -11.63 -0.77 1.97
CA GLN A 31 -11.80 -0.20 0.60
C GLN A 31 -11.23 1.22 0.55
N THR A 32 -9.94 1.36 0.63
CA THR A 32 -9.33 2.72 0.58
C THR A 32 -7.87 2.63 0.12
N THR A 33 -7.16 3.72 0.13
CA THR A 33 -5.73 3.68 -0.31
C THR A 33 -4.86 4.53 0.61
N THR A 34 -3.61 4.15 0.78
CA THR A 34 -2.70 4.93 1.66
C THR A 34 -1.27 4.83 1.15
N TRP A 35 -0.40 5.71 1.57
CA TRP A 35 1.01 5.66 1.10
C TRP A 35 1.90 5.01 2.16
N GLN A 36 1.91 5.56 3.34
CA GLN A 36 2.77 4.97 4.42
C GLN A 36 2.47 3.48 4.57
N ASP A 37 3.32 2.63 4.04
CA ASP A 37 3.09 1.17 4.15
C ASP A 37 2.88 0.77 5.62
N PRO A 38 1.89 -0.04 5.88
CA PRO A 38 1.62 -0.49 7.27
C PRO A 38 2.66 -1.50 7.74
N ARG A 39 3.92 -1.12 7.74
CA ARG A 39 4.98 -2.07 8.18
C ARG A 39 6.35 -1.36 8.17
N LYS A 40 6.92 -1.17 7.01
CA LYS A 40 8.24 -0.49 6.93
C LYS A 40 9.25 -1.19 7.85
N GLY B 1 -2.90 12.98 -3.52
CA GLY B 1 -4.23 12.74 -4.15
C GLY B 1 -4.66 11.29 -3.91
N PRO B 2 -5.95 11.10 -3.77
CA PRO B 2 -6.49 9.73 -3.55
C PRO B 2 -6.38 8.89 -4.83
N PRO B 3 -5.55 7.88 -4.79
CA PRO B 3 -5.39 7.00 -5.97
C PRO B 3 -6.65 6.15 -6.20
N PRO B 4 -6.84 5.73 -7.43
CA PRO B 4 -8.04 4.91 -7.77
C PRO B 4 -7.90 3.50 -7.20
N TYR B 5 -8.94 2.97 -6.61
CA TYR B 5 -8.86 1.60 -6.03
C TYR B 5 -9.19 0.56 -7.10
N PHE A 1 14.63 0.68 -3.01
CA PHE A 1 15.01 0.11 -1.69
C PHE A 1 14.29 -1.22 -1.46
N GLU A 2 13.23 -1.47 -2.17
CA GLU A 2 12.49 -2.76 -1.99
C GLU A 2 12.10 -2.94 -0.53
N ILE A 3 11.83 -4.14 -0.12
CA ILE A 3 11.46 -4.38 1.31
C ILE A 3 12.68 -4.86 2.10
N PRO A 4 12.75 -4.44 3.35
CA PRO A 4 13.89 -4.84 4.21
C PRO A 4 13.75 -6.29 4.64
N ASP A 5 12.62 -6.65 5.19
CA ASP A 5 12.41 -8.07 5.63
C ASP A 5 11.60 -8.84 4.59
N ASP A 6 11.55 -8.36 3.38
CA ASP A 6 10.77 -9.06 2.32
C ASP A 6 9.33 -9.30 2.79
N VAL A 7 8.87 -8.52 3.73
CA VAL A 7 7.47 -8.70 4.23
C VAL A 7 6.47 -8.08 3.24
N PRO A 8 5.40 -8.79 2.98
CA PRO A 8 4.38 -8.28 2.04
C PRO A 8 3.56 -7.16 2.68
N LEU A 9 2.48 -7.46 3.35
CA LEU A 9 1.65 -6.40 3.98
C LEU A 9 0.57 -7.06 4.87
N PRO A 10 -0.43 -6.32 5.27
CA PRO A 10 -1.47 -6.89 6.14
C PRO A 10 -2.57 -7.56 5.31
N ALA A 11 -3.42 -8.33 5.94
CA ALA A 11 -4.51 -9.01 5.18
C ALA A 11 -5.56 -7.99 4.73
N GLY A 12 -6.41 -8.34 3.81
CA GLY A 12 -7.44 -7.39 3.33
C GLY A 12 -6.77 -6.07 2.91
N TRP A 13 -5.55 -6.15 2.46
CA TRP A 13 -4.83 -4.91 2.05
C TRP A 13 -4.03 -5.15 0.77
N GLU A 14 -4.60 -4.83 -0.36
CA GLU A 14 -3.84 -5.02 -1.64
C GLU A 14 -2.87 -3.85 -1.82
N MET A 15 -2.18 -3.80 -2.91
CA MET A 15 -1.24 -2.67 -3.12
C MET A 15 -1.20 -2.28 -4.59
N ALA A 16 -0.69 -1.12 -4.88
CA ALA A 16 -0.63 -0.68 -6.29
C ALA A 16 0.20 0.61 -6.39
N LYS A 17 0.94 0.76 -7.46
CA LYS A 17 1.77 1.99 -7.59
C LYS A 17 1.08 2.99 -8.53
N THR A 18 1.14 4.26 -8.19
CA THR A 18 0.48 5.28 -9.06
C THR A 18 1.49 6.34 -9.51
N SER A 19 2.76 6.06 -9.43
CA SER A 19 3.78 7.06 -9.85
C SER A 19 5.20 6.47 -9.75
N SER A 20 6.19 7.31 -9.66
CA SER A 20 7.58 6.80 -9.55
C SER A 20 7.79 6.06 -8.23
N GLY A 21 7.26 4.88 -8.12
CA GLY A 21 7.42 4.10 -6.86
C GLY A 21 6.30 4.47 -5.87
N GLN A 22 5.26 5.12 -6.34
CA GLN A 22 4.15 5.49 -5.42
C GLN A 22 3.31 4.25 -5.10
N ARG A 23 3.92 3.25 -4.50
CA ARG A 23 3.17 2.00 -4.16
C ARG A 23 2.15 2.30 -3.08
N TYR A 24 1.02 2.84 -3.43
CA TYR A 24 -0.01 3.11 -2.38
C TYR A 24 -0.68 1.78 -2.03
N PHE A 25 -0.97 1.58 -0.78
CA PHE A 25 -1.56 0.29 -0.38
C PHE A 25 -3.07 0.34 -0.34
N LEU A 26 -3.64 -0.53 -1.12
CA LEU A 26 -5.12 -0.63 -1.25
C LEU A 26 -5.75 -1.30 -0.03
N ASN A 27 -6.45 -0.54 0.77
CA ASN A 27 -7.10 -1.12 1.98
C ASN A 27 -8.34 -1.91 1.55
N HIS A 28 -8.22 -3.20 1.39
CA HIS A 28 -9.40 -4.01 0.97
C HIS A 28 -10.31 -4.25 2.17
N ILE A 29 -9.75 -4.31 3.35
CA ILE A 29 -10.60 -4.54 4.56
C ILE A 29 -11.53 -3.34 4.79
N ASP A 30 -11.20 -2.21 4.24
CA ASP A 30 -12.08 -1.01 4.42
C ASP A 30 -12.14 -0.19 3.13
N GLN A 31 -11.77 -0.78 2.03
CA GLN A 31 -11.81 -0.05 0.73
C GLN A 31 -11.12 1.31 0.85
N THR A 32 -9.81 1.35 0.76
CA THR A 32 -9.10 2.66 0.87
C THR A 32 -7.73 2.56 0.20
N THR A 33 -6.93 3.59 0.30
CA THR A 33 -5.58 3.57 -0.32
C THR A 33 -4.62 4.50 0.42
N THR A 34 -3.65 3.95 1.09
CA THR A 34 -2.68 4.81 1.84
C THR A 34 -1.33 4.86 1.12
N TRP A 35 -0.40 5.62 1.63
CA TRP A 35 0.94 5.70 0.97
C TRP A 35 2.00 5.06 1.86
N GLN A 36 1.97 5.36 3.13
CA GLN A 36 2.98 4.77 4.06
C GLN A 36 2.93 3.24 3.99
N ASP A 37 3.55 2.58 4.94
CA ASP A 37 3.53 1.09 4.94
C ASP A 37 3.12 0.56 6.32
N PRO A 38 1.95 -0.03 6.40
CA PRO A 38 1.45 -0.57 7.68
C PRO A 38 2.25 -1.83 8.08
N ARG A 39 2.99 -2.39 7.16
CA ARG A 39 3.79 -3.61 7.49
C ARG A 39 5.28 -3.34 7.32
N LYS A 40 5.69 -2.98 6.13
CA LYS A 40 7.14 -2.70 5.90
C LYS A 40 7.65 -1.67 6.91
N GLY B 1 -3.74 13.45 -5.27
CA GLY B 1 -4.44 13.04 -4.03
C GLY B 1 -4.46 11.51 -3.94
N PRO B 2 -5.45 11.00 -3.23
CA PRO B 2 -5.57 9.54 -3.06
C PRO B 2 -6.04 8.89 -4.38
N PRO B 3 -5.57 7.68 -4.62
CA PRO B 3 -5.96 6.97 -5.87
C PRO B 3 -7.42 6.49 -5.78
N PRO B 4 -8.06 6.42 -6.92
CA PRO B 4 -9.48 5.97 -6.96
C PRO B 4 -9.57 4.47 -6.68
N TYR B 5 -10.08 4.09 -5.54
CA TYR B 5 -10.20 2.63 -5.22
C TYR B 5 -11.62 2.32 -4.74
N PHE A 1 11.03 6.90 6.31
CA PHE A 1 11.36 5.45 6.39
C PHE A 1 11.36 4.83 4.99
N GLU A 2 11.96 3.68 4.85
CA GLU A 2 11.99 3.03 3.49
C GLU A 2 12.25 1.53 3.65
N ILE A 3 11.54 0.72 2.93
CA ILE A 3 11.74 -0.76 3.04
C ILE A 3 12.01 -1.35 1.64
N PRO A 4 12.76 -2.43 1.62
CA PRO A 4 13.08 -3.10 0.33
C PRO A 4 11.85 -3.82 -0.22
N ASP A 5 12.04 -4.71 -1.15
CA ASP A 5 10.88 -5.45 -1.73
C ASP A 5 10.85 -6.89 -1.21
N ASP A 6 10.73 -7.06 0.09
CA ASP A 6 10.70 -8.43 0.65
C ASP A 6 9.92 -8.45 1.97
N VAL A 7 9.07 -7.48 2.18
CA VAL A 7 8.28 -7.43 3.44
C VAL A 7 6.82 -7.81 3.16
N PRO A 8 6.22 -8.53 4.09
CA PRO A 8 4.81 -8.96 3.93
C PRO A 8 3.87 -7.76 4.09
N LEU A 9 2.62 -8.00 4.38
CA LEU A 9 1.66 -6.88 4.55
C LEU A 9 0.50 -7.33 5.45
N PRO A 10 -0.50 -6.47 5.57
CA PRO A 10 -1.67 -6.80 6.40
C PRO A 10 -2.71 -7.55 5.58
N ALA A 11 -3.56 -8.32 6.22
CA ALA A 11 -4.60 -9.09 5.48
C ALA A 11 -5.67 -8.13 4.96
N GLY A 12 -6.36 -8.51 3.90
CA GLY A 12 -7.42 -7.61 3.35
C GLY A 12 -6.78 -6.27 2.96
N TRP A 13 -5.63 -6.31 2.35
CA TRP A 13 -4.95 -5.03 1.98
C TRP A 13 -4.17 -5.19 0.66
N GLU A 14 -4.75 -4.82 -0.45
CA GLU A 14 -4.02 -4.92 -1.73
C GLU A 14 -3.01 -3.77 -1.82
N MET A 15 -2.28 -3.67 -2.89
CA MET A 15 -1.31 -2.55 -3.02
C MET A 15 -1.20 -2.13 -4.46
N ALA A 16 -0.86 -0.90 -4.68
CA ALA A 16 -0.74 -0.41 -6.07
C ALA A 16 0.24 0.77 -6.11
N LYS A 17 1.08 0.82 -7.10
CA LYS A 17 2.07 1.93 -7.17
C LYS A 17 1.64 2.98 -8.18
N THR A 18 1.63 4.22 -7.78
CA THR A 18 1.23 5.31 -8.72
C THR A 18 2.46 6.13 -9.10
N SER A 19 2.42 6.81 -10.22
CA SER A 19 3.61 7.62 -10.64
C SER A 19 4.84 6.70 -10.70
N SER A 20 5.99 7.19 -10.32
CA SER A 20 7.22 6.32 -10.36
C SER A 20 6.93 4.99 -9.65
N GLY A 21 7.00 4.97 -8.36
CA GLY A 21 6.73 3.70 -7.62
C GLY A 21 6.04 4.03 -6.29
N GLN A 22 5.33 5.13 -6.23
CA GLN A 22 4.63 5.49 -4.96
C GLN A 22 3.77 4.30 -4.51
N ARG A 23 4.31 3.48 -3.65
CA ARG A 23 3.55 2.29 -3.20
C ARG A 23 2.39 2.67 -2.30
N TYR A 24 1.25 2.93 -2.87
CA TYR A 24 0.08 3.25 -2.01
C TYR A 24 -0.73 1.97 -1.83
N PHE A 25 -0.91 1.57 -0.62
CA PHE A 25 -1.62 0.30 -0.37
C PHE A 25 -3.13 0.44 -0.47
N LEU A 26 -3.72 -0.54 -1.07
CA LEU A 26 -5.18 -0.56 -1.29
C LEU A 26 -5.90 -1.33 -0.18
N ASN A 27 -6.25 -0.67 0.87
CA ASN A 27 -6.96 -1.37 1.98
C ASN A 27 -8.23 -2.02 1.44
N HIS A 28 -8.28 -3.33 1.41
CA HIS A 28 -9.49 -4.02 0.89
C HIS A 28 -10.49 -4.22 2.04
N ILE A 29 -10.00 -4.64 3.18
CA ILE A 29 -10.90 -4.84 4.34
C ILE A 29 -11.67 -3.54 4.62
N ASP A 30 -11.11 -2.42 4.23
CA ASP A 30 -11.80 -1.11 4.44
C ASP A 30 -11.98 -0.36 3.12
N GLN A 31 -11.41 -0.87 2.05
CA GLN A 31 -11.54 -0.18 0.71
C GLN A 31 -11.01 1.25 0.78
N THR A 32 -9.71 1.42 0.70
CA THR A 32 -9.13 2.80 0.75
C THR A 32 -7.66 2.75 0.30
N THR A 33 -7.12 3.87 -0.10
CA THR A 33 -5.69 3.89 -0.55
C THR A 33 -4.84 4.73 0.41
N THR A 34 -3.70 4.23 0.81
CA THR A 34 -2.84 5.01 1.74
C THR A 34 -1.36 4.80 1.38
N TRP A 35 -0.54 5.77 1.61
CA TRP A 35 0.91 5.62 1.29
C TRP A 35 1.61 4.80 2.37
N GLN A 36 1.65 5.31 3.57
CA GLN A 36 2.31 4.56 4.67
C GLN A 36 1.26 4.04 5.67
N ASP A 37 1.31 2.78 6.00
CA ASP A 37 0.31 2.23 6.96
C ASP A 37 0.58 0.74 7.19
N PRO A 38 0.53 -0.03 6.13
CA PRO A 38 0.78 -1.50 6.25
C PRO A 38 2.26 -1.77 6.54
N ARG A 39 3.14 -1.05 5.90
CA ARG A 39 4.59 -1.26 6.13
C ARG A 39 5.41 -0.23 5.37
N LYS A 40 5.33 1.02 5.75
CA LYS A 40 6.11 2.08 5.05
C LYS A 40 5.93 3.43 5.76
N GLY B 1 -4.23 14.24 -4.03
CA GLY B 1 -4.95 13.49 -2.96
C GLY B 1 -4.60 12.01 -3.06
N PRO B 2 -5.40 11.19 -2.42
CA PRO B 2 -5.18 9.72 -2.45
C PRO B 2 -5.53 9.15 -3.82
N PRO B 3 -4.83 8.11 -4.22
CA PRO B 3 -5.09 7.46 -5.53
C PRO B 3 -6.42 6.69 -5.48
N PRO B 4 -7.01 6.52 -6.64
CA PRO B 4 -8.30 5.78 -6.72
C PRO B 4 -8.08 4.28 -6.50
N TYR B 5 -9.13 3.55 -6.26
CA TYR B 5 -8.99 2.08 -6.04
C TYR B 5 -9.22 1.32 -7.35
N PHE A 1 12.56 4.95 5.94
CA PHE A 1 11.32 5.68 5.54
C PHE A 1 10.78 5.12 4.22
N GLU A 2 11.65 4.60 3.39
CA GLU A 2 11.18 4.05 2.09
C GLU A 2 10.73 2.59 2.26
N ILE A 3 9.72 2.18 1.52
CA ILE A 3 9.23 0.78 1.64
C ILE A 3 10.14 -0.17 0.85
N PRO A 4 10.85 -1.02 1.55
CA PRO A 4 11.75 -1.98 0.87
C PRO A 4 10.95 -3.10 0.19
N ASP A 5 11.40 -3.56 -0.95
CA ASP A 5 10.65 -4.64 -1.65
C ASP A 5 10.61 -5.90 -0.78
N ASP A 6 9.66 -5.99 0.12
CA ASP A 6 9.57 -7.19 1.00
C ASP A 6 8.35 -7.08 1.91
N VAL A 7 8.01 -5.90 2.34
CA VAL A 7 6.83 -5.74 3.25
C VAL A 7 5.61 -6.52 2.71
N PRO A 8 5.25 -7.57 3.40
CA PRO A 8 4.09 -8.39 2.98
C PRO A 8 2.76 -7.67 3.26
N LEU A 9 2.80 -6.49 3.83
CA LEU A 9 1.53 -5.76 4.14
C LEU A 9 0.64 -6.61 5.04
N PRO A 10 -0.44 -6.03 5.49
CA PRO A 10 -1.38 -6.75 6.37
C PRO A 10 -2.40 -7.54 5.55
N ALA A 11 -3.22 -8.32 6.20
CA ALA A 11 -4.24 -9.12 5.44
C ALA A 11 -5.33 -8.20 4.89
N GLY A 12 -6.01 -8.63 3.86
CA GLY A 12 -7.09 -7.78 3.27
C GLY A 12 -6.50 -6.41 2.89
N TRP A 13 -5.31 -6.39 2.36
CA TRP A 13 -4.70 -5.09 1.98
C TRP A 13 -3.94 -5.22 0.65
N GLU A 14 -4.51 -4.76 -0.43
CA GLU A 14 -3.78 -4.85 -1.73
C GLU A 14 -2.81 -3.68 -1.83
N MET A 15 -2.13 -3.56 -2.93
CA MET A 15 -1.19 -2.42 -3.10
C MET A 15 -1.15 -1.99 -4.55
N ALA A 16 -0.59 -0.85 -4.83
CA ALA A 16 -0.54 -0.38 -6.23
C ALA A 16 0.31 0.89 -6.33
N LYS A 17 0.93 1.11 -7.46
CA LYS A 17 1.77 2.32 -7.61
C LYS A 17 0.98 3.40 -8.35
N THR A 18 1.03 4.62 -7.89
CA THR A 18 0.25 5.70 -8.57
C THR A 18 1.18 6.65 -9.34
N SER A 19 2.40 6.22 -9.61
CA SER A 19 3.33 7.11 -10.37
C SER A 19 4.68 6.40 -10.60
N SER A 20 5.63 6.57 -9.72
CA SER A 20 6.95 5.90 -9.90
C SER A 20 7.46 5.42 -8.53
N GLY A 21 7.11 4.22 -8.15
CA GLY A 21 7.55 3.71 -6.83
C GLY A 21 6.50 4.08 -5.77
N GLN A 22 5.58 4.95 -6.11
CA GLN A 22 4.54 5.33 -5.12
C GLN A 22 3.57 4.17 -4.91
N ARG A 23 4.07 3.07 -4.42
CA ARG A 23 3.18 1.89 -4.18
C ARG A 23 2.25 2.16 -3.01
N TYR A 24 1.21 2.88 -3.24
CA TYR A 24 0.25 3.16 -2.14
C TYR A 24 -0.48 1.85 -1.83
N PHE A 25 -0.79 1.62 -0.59
CA PHE A 25 -1.44 0.33 -0.26
C PHE A 25 -2.96 0.44 -0.24
N LEU A 26 -3.56 -0.46 -0.97
CA LEU A 26 -5.03 -0.48 -1.12
C LEU A 26 -5.70 -1.22 0.04
N ASN A 27 -6.39 -0.49 0.89
CA ASN A 27 -7.08 -1.14 2.03
C ASN A 27 -8.26 -1.96 1.50
N HIS A 28 -8.22 -3.25 1.64
CA HIS A 28 -9.34 -4.10 1.14
C HIS A 28 -10.45 -4.16 2.17
N ILE A 29 -10.14 -4.54 3.38
CA ILE A 29 -11.19 -4.62 4.43
C ILE A 29 -11.88 -3.27 4.58
N ASP A 30 -11.25 -2.21 4.15
CA ASP A 30 -11.89 -0.86 4.26
C ASP A 30 -12.02 -0.21 2.88
N GLN A 31 -11.48 -0.82 1.86
CA GLN A 31 -11.57 -0.23 0.49
C GLN A 31 -11.03 1.20 0.48
N THR A 32 -9.74 1.36 0.49
CA THR A 32 -9.15 2.74 0.48
C THR A 32 -7.70 2.70 0.00
N THR A 33 -7.06 3.84 -0.09
CA THR A 33 -5.64 3.86 -0.55
C THR A 33 -4.80 4.74 0.39
N THR A 34 -3.68 4.23 0.85
CA THR A 34 -2.83 5.05 1.77
C THR A 34 -1.36 4.95 1.34
N TRP A 35 -0.50 5.72 1.95
CA TRP A 35 0.94 5.68 1.58
C TRP A 35 1.73 4.90 2.63
N GLN A 36 1.72 5.36 3.85
CA GLN A 36 2.48 4.64 4.93
C GLN A 36 2.10 3.16 4.94
N ASP A 37 3.07 2.28 4.83
CA ASP A 37 2.76 0.83 4.85
C ASP A 37 2.36 0.39 6.26
N PRO A 38 1.15 -0.10 6.41
CA PRO A 38 0.68 -0.55 7.74
C PRO A 38 1.39 -1.85 8.15
N ARG A 39 2.68 -1.82 8.28
CA ARG A 39 3.42 -3.04 8.68
C ARG A 39 4.90 -2.72 8.89
N LYS A 40 5.55 -2.17 7.89
CA LYS A 40 6.99 -1.83 8.03
C LYS A 40 7.79 -3.05 8.50
N GLY B 1 -3.84 13.97 -3.49
CA GLY B 1 -4.96 13.19 -2.92
C GLY B 1 -4.65 11.69 -3.03
N PRO B 2 -5.48 10.89 -2.40
CA PRO B 2 -5.28 9.42 -2.44
C PRO B 2 -5.63 8.86 -3.82
N PRO B 3 -4.90 7.86 -4.24
CA PRO B 3 -5.15 7.24 -5.57
C PRO B 3 -6.45 6.41 -5.53
N PRO B 4 -6.97 6.11 -6.70
CA PRO B 4 -8.21 5.32 -6.79
C PRO B 4 -7.95 3.86 -6.43
N TYR B 5 -8.96 3.03 -6.48
CA TYR B 5 -8.76 1.59 -6.15
C TYR B 5 -8.75 0.75 -7.43
N PHE A 1 18.56 4.94 1.92
CA PHE A 1 17.69 3.79 2.27
C PHE A 1 16.56 3.63 1.25
N GLU A 2 16.38 2.45 0.73
CA GLU A 2 15.29 2.22 -0.27
C GLU A 2 14.22 1.29 0.31
N ILE A 3 13.10 1.20 -0.34
CA ILE A 3 12.01 0.32 0.17
C ILE A 3 12.31 -1.15 -0.19
N PRO A 4 12.04 -2.04 0.73
CA PRO A 4 12.29 -3.48 0.48
C PRO A 4 11.25 -4.04 -0.49
N ASP A 5 11.12 -5.34 -0.56
CA ASP A 5 10.13 -5.95 -1.49
C ASP A 5 9.74 -7.34 -1.01
N ASP A 6 9.90 -7.61 0.26
CA ASP A 6 9.53 -8.95 0.79
C ASP A 6 8.38 -8.84 1.81
N VAL A 7 8.19 -7.68 2.36
CA VAL A 7 7.10 -7.50 3.36
C VAL A 7 5.77 -8.01 2.79
N PRO A 8 5.17 -8.97 3.45
CA PRO A 8 3.87 -9.52 2.98
C PRO A 8 2.72 -8.54 3.27
N LEU A 9 2.99 -7.42 3.89
CA LEU A 9 1.91 -6.44 4.20
C LEU A 9 0.85 -7.11 5.08
N PRO A 10 -0.21 -6.39 5.34
CA PRO A 10 -1.30 -6.92 6.18
C PRO A 10 -2.33 -7.67 5.33
N ALA A 11 -3.11 -8.52 5.94
CA ALA A 11 -4.14 -9.28 5.16
C ALA A 11 -5.25 -8.34 4.69
N GLY A 12 -6.02 -8.75 3.70
CA GLY A 12 -7.12 -7.87 3.21
C GLY A 12 -6.55 -6.50 2.85
N TRP A 13 -5.36 -6.47 2.31
CA TRP A 13 -4.74 -5.16 1.96
C TRP A 13 -3.92 -5.28 0.67
N GLU A 14 -4.48 -4.91 -0.44
CA GLU A 14 -3.70 -4.99 -1.72
C GLU A 14 -2.78 -3.78 -1.80
N MET A 15 -2.02 -3.67 -2.85
CA MET A 15 -1.13 -2.50 -3.00
C MET A 15 -0.89 -2.23 -4.47
N ALA A 16 -0.42 -1.05 -4.80
CA ALA A 16 -0.18 -0.74 -6.22
C ALA A 16 0.60 0.59 -6.32
N LYS A 17 1.31 0.78 -7.40
CA LYS A 17 2.09 2.05 -7.55
C LYS A 17 1.28 3.10 -8.32
N THR A 18 1.28 4.32 -7.86
CA THR A 18 0.49 5.36 -8.59
C THR A 18 1.38 6.56 -8.96
N SER A 19 2.67 6.43 -8.86
CA SER A 19 3.57 7.57 -9.22
C SER A 19 5.05 7.16 -9.07
N SER A 20 5.72 6.89 -10.17
CA SER A 20 7.15 6.49 -10.08
C SER A 20 7.33 5.37 -9.04
N GLY A 21 6.39 4.46 -8.99
CA GLY A 21 6.48 3.36 -8.00
C GLY A 21 5.90 3.82 -6.67
N GLN A 22 5.09 4.86 -6.68
CA GLN A 22 4.47 5.33 -5.41
C GLN A 22 3.68 4.18 -4.81
N ARG A 23 4.30 3.39 -3.99
CA ARG A 23 3.62 2.22 -3.39
C ARG A 23 2.45 2.63 -2.50
N TYR A 24 1.31 2.84 -3.07
CA TYR A 24 0.14 3.18 -2.22
C TYR A 24 -0.63 1.88 -1.98
N PHE A 25 -0.93 1.60 -0.75
CA PHE A 25 -1.59 0.32 -0.46
C PHE A 25 -3.10 0.41 -0.45
N LEU A 26 -3.69 -0.56 -1.08
CA LEU A 26 -5.16 -0.63 -1.23
C LEU A 26 -5.80 -1.40 -0.08
N ASN A 27 -6.34 -0.71 0.88
CA ASN A 27 -6.99 -1.41 2.02
C ASN A 27 -8.29 -2.05 1.54
N HIS A 28 -8.40 -3.35 1.61
CA HIS A 28 -9.64 -4.03 1.15
C HIS A 28 -10.70 -4.00 2.25
N ILE A 29 -10.36 -4.46 3.43
CA ILE A 29 -11.36 -4.45 4.55
C ILE A 29 -11.96 -3.05 4.71
N ASP A 30 -11.27 -2.04 4.27
CA ASP A 30 -11.80 -0.65 4.38
C ASP A 30 -11.95 -0.03 2.99
N GLN A 31 -11.45 -0.66 1.96
CA GLN A 31 -11.57 -0.10 0.59
C GLN A 31 -11.00 1.32 0.54
N THR A 32 -9.70 1.45 0.60
CA THR A 32 -9.09 2.82 0.56
C THR A 32 -7.61 2.74 0.16
N THR A 33 -7.07 3.81 -0.33
CA THR A 33 -5.62 3.81 -0.74
C THR A 33 -4.82 4.68 0.22
N THR A 34 -3.71 4.19 0.71
CA THR A 34 -2.88 4.99 1.65
C THR A 34 -1.40 4.95 1.24
N TRP A 35 -0.60 5.79 1.82
CA TRP A 35 0.86 5.79 1.46
C TRP A 35 1.67 5.18 2.60
N GLN A 36 1.53 5.70 3.78
CA GLN A 36 2.30 5.16 4.94
C GLN A 36 2.14 3.64 5.03
N ASP A 37 3.04 2.90 4.46
CA ASP A 37 2.94 1.42 4.50
C ASP A 37 2.78 0.94 5.95
N PRO A 38 2.09 -0.16 6.13
CA PRO A 38 1.87 -0.71 7.48
C PRO A 38 3.18 -1.31 8.02
N ARG A 39 3.89 -2.03 7.20
CA ARG A 39 5.18 -2.63 7.67
C ARG A 39 6.16 -2.79 6.50
N LYS A 40 5.94 -2.06 5.43
CA LYS A 40 6.86 -2.17 4.26
C LYS A 40 8.02 -1.18 4.41
N GLY B 1 -5.51 13.49 -5.51
CA GLY B 1 -4.92 13.15 -4.18
C GLY B 1 -4.68 11.65 -4.09
N PRO B 2 -5.59 10.95 -3.46
CA PRO B 2 -5.46 9.47 -3.32
C PRO B 2 -5.72 8.78 -4.66
N PRO B 3 -4.99 7.72 -4.92
CA PRO B 3 -5.15 6.97 -6.19
C PRO B 3 -6.47 6.19 -6.19
N PRO B 4 -6.95 5.86 -7.36
CA PRO B 4 -8.22 5.10 -7.47
C PRO B 4 -8.01 3.65 -7.04
N TYR B 5 -9.07 2.97 -6.69
CA TYR B 5 -8.94 1.54 -6.26
C TYR B 5 -9.14 0.61 -7.46
#